data_1D49
# 
_entry.id   1D49 
# 
_audit_conform.dict_name       mmcif_pdbx.dic 
_audit_conform.dict_version    5.385 
_audit_conform.dict_location   http://mmcif.pdb.org/dictionaries/ascii/mmcif_pdbx.dic 
# 
loop_
_database_2.database_id 
_database_2.database_code 
_database_2.pdbx_database_accession 
_database_2.pdbx_DOI 
PDB   1D49         pdb_00001d49 10.2210/pdb1d49/pdb 
RCSB  BDJ031       ?            ?                   
WWPDB D_1000172653 ?            ?                   
# 
loop_
_pdbx_audit_revision_history.ordinal 
_pdbx_audit_revision_history.data_content_type 
_pdbx_audit_revision_history.major_revision 
_pdbx_audit_revision_history.minor_revision 
_pdbx_audit_revision_history.revision_date 
1 'Structure model' 1 0 1992-04-15 
2 'Structure model' 1 1 2008-05-22 
3 'Structure model' 1 2 2011-07-13 
4 'Structure model' 1 3 2024-02-07 
# 
_pdbx_audit_revision_details.ordinal             1 
_pdbx_audit_revision_details.revision_ordinal    1 
_pdbx_audit_revision_details.data_content_type   'Structure model' 
_pdbx_audit_revision_details.provider            repository 
_pdbx_audit_revision_details.type                'Initial release' 
_pdbx_audit_revision_details.description         ? 
_pdbx_audit_revision_details.details             ? 
# 
loop_
_pdbx_audit_revision_group.ordinal 
_pdbx_audit_revision_group.revision_ordinal 
_pdbx_audit_revision_group.data_content_type 
_pdbx_audit_revision_group.group 
1 2 'Structure model' 'Version format compliance' 
2 3 'Structure model' 'Version format compliance' 
3 4 'Structure model' 'Data collection'           
4 4 'Structure model' 'Database references'       
5 4 'Structure model' 'Derived calculations'      
# 
loop_
_pdbx_audit_revision_category.ordinal 
_pdbx_audit_revision_category.revision_ordinal 
_pdbx_audit_revision_category.data_content_type 
_pdbx_audit_revision_category.category 
1 4 'Structure model' chem_comp_atom         
2 4 'Structure model' chem_comp_bond         
3 4 'Structure model' database_2             
4 4 'Structure model' pdbx_struct_conn_angle 
5 4 'Structure model' struct_conn            
6 4 'Structure model' struct_site            
# 
loop_
_pdbx_audit_revision_item.ordinal 
_pdbx_audit_revision_item.revision_ordinal 
_pdbx_audit_revision_item.data_content_type 
_pdbx_audit_revision_item.item 
1  4 'Structure model' '_database_2.pdbx_DOI'                        
2  4 'Structure model' '_database_2.pdbx_database_accession'         
3  4 'Structure model' '_pdbx_struct_conn_angle.ptnr1_auth_asym_id'  
4  4 'Structure model' '_pdbx_struct_conn_angle.ptnr1_auth_seq_id'   
5  4 'Structure model' '_pdbx_struct_conn_angle.ptnr1_label_asym_id' 
6  4 'Structure model' '_pdbx_struct_conn_angle.ptnr3_auth_asym_id'  
7  4 'Structure model' '_pdbx_struct_conn_angle.ptnr3_auth_seq_id'   
8  4 'Structure model' '_pdbx_struct_conn_angle.ptnr3_label_asym_id' 
9  4 'Structure model' '_pdbx_struct_conn_angle.value'               
10 4 'Structure model' '_struct_conn.pdbx_dist_value'                
11 4 'Structure model' '_struct_conn.ptnr1_auth_asym_id'             
12 4 'Structure model' '_struct_conn.ptnr1_auth_comp_id'             
13 4 'Structure model' '_struct_conn.ptnr1_auth_seq_id'              
14 4 'Structure model' '_struct_conn.ptnr1_label_asym_id'            
15 4 'Structure model' '_struct_conn.ptnr1_label_atom_id'            
16 4 'Structure model' '_struct_conn.ptnr1_label_comp_id'            
17 4 'Structure model' '_struct_conn.ptnr2_auth_asym_id'             
18 4 'Structure model' '_struct_conn.ptnr2_auth_comp_id'             
19 4 'Structure model' '_struct_conn.ptnr2_auth_seq_id'              
20 4 'Structure model' '_struct_conn.ptnr2_label_asym_id'            
21 4 'Structure model' '_struct_conn.ptnr2_label_atom_id'            
22 4 'Structure model' '_struct_conn.ptnr2_label_comp_id'            
23 4 'Structure model' '_struct_site.pdbx_auth_asym_id'              
24 4 'Structure model' '_struct_site.pdbx_auth_comp_id'              
25 4 'Structure model' '_struct_site.pdbx_auth_seq_id'               
# 
_pdbx_database_status.status_code                     REL 
_pdbx_database_status.entry_id                        1D49 
_pdbx_database_status.recvd_initial_deposition_date   1991-09-17 
_pdbx_database_status.deposit_site                    BNL 
_pdbx_database_status.process_site                    NDB 
_pdbx_database_status.status_code_sf                  REL 
_pdbx_database_status.status_code_mr                  ? 
_pdbx_database_status.SG_entry                        ? 
_pdbx_database_status.pdb_format_compatible           Y 
_pdbx_database_status.status_code_cs                  ? 
_pdbx_database_status.status_code_nmr_data            ? 
_pdbx_database_status.methods_development_category    ? 
# 
loop_
_audit_author.name 
_audit_author.pdbx_ordinal 
'Quintana, J.R.'  1 
'Grzeskowiak, K.' 2 
'Yanagi, K.'      3 
'Dickerson, R.E.' 4 
# 
loop_
_citation.id 
_citation.title 
_citation.journal_abbrev 
_citation.journal_volume 
_citation.page_first 
_citation.page_last 
_citation.year 
_citation.journal_id_ASTM 
_citation.country 
_citation.journal_id_ISSN 
_citation.journal_id_CSD 
_citation.book_publisher 
_citation.pdbx_database_id_PubMed 
_citation.pdbx_database_id_DOI 
primary 'Structure of a B-DNA decamer with a central T-A step: C-G-A-T-T-A-A-T-C-G.'             J.Mol.Biol.  225 379  395  1992 
JMOBAK UK 0022-2836 0070 ? 1593626 '10.1016/0022-2836(92)90928-D' 
1       'The Structure of B-Helical C-G-A-T-C-G-A-T-C-G and Comparison with C-C-A-A-C-G-T-T-G-G' J.Biol.Chem. 266 8861 8883 1991 
JBCHA3 US 0021-9258 0071 ? ?       ?                              
2       'Analysis of Local Helix Geometry in Three B-DNA Decamers and Eight Dodecamers'          J.Mol.Biol.  217 201  214  1991 
JMOBAK UK 0022-2836 0070 ? ?       ?                              
# 
loop_
_citation_author.citation_id 
_citation_author.name 
_citation_author.ordinal 
_citation_author.identifier_ORCID 
primary 'Quintana, J.R.'  1  ? 
primary 'Grzeskowiak, K.' 2  ? 
primary 'Yanagi, K.'      3  ? 
primary 'Dickerson, R.E.' 4  ? 
1       'Grzeskowiak, K.' 5  ? 
1       'Yanagi, K.'      6  ? 
1       'Prive, G.G.'     7  ? 
1       'Dickerson, R.E.' 8  ? 
2       'Yanagi, K.'      9  ? 
2       'Prive, G.G.'     10 ? 
2       'Dickerson, R.E.' 11 ? 
# 
loop_
_entity.id 
_entity.type 
_entity.src_method 
_entity.pdbx_description 
_entity.formula_weight 
_entity.pdbx_number_of_molecules 
_entity.pdbx_ec 
_entity.pdbx_mutation 
_entity.pdbx_fragment 
_entity.details 
1 polymer     syn 
;DNA (5'-D(*CP*GP*AP*TP*TP*AP*AP*TP*CP*G)-3')
;
3044.017 2   ? ? ? ? 
2 non-polymer syn 'MAGNESIUM ION'                                24.305   1   ? ? ? ? 
3 water       nat water                                          18.015   114 ? ? ? ? 
# 
_entity_poly.entity_id                      1 
_entity_poly.type                           polydeoxyribonucleotide 
_entity_poly.nstd_linkage                   no 
_entity_poly.nstd_monomer                   no 
_entity_poly.pdbx_seq_one_letter_code       '(DC)(DG)(DA)(DT)(DT)(DA)(DA)(DT)(DC)(DG)' 
_entity_poly.pdbx_seq_one_letter_code_can   CGATTAATCG 
_entity_poly.pdbx_strand_id                 A,B 
_entity_poly.pdbx_target_identifier         ? 
# 
loop_
_pdbx_entity_nonpoly.entity_id 
_pdbx_entity_nonpoly.name 
_pdbx_entity_nonpoly.comp_id 
2 'MAGNESIUM ION' MG  
3 water           HOH 
# 
loop_
_entity_poly_seq.entity_id 
_entity_poly_seq.num 
_entity_poly_seq.mon_id 
_entity_poly_seq.hetero 
1 1  DC n 
1 2  DG n 
1 3  DA n 
1 4  DT n 
1 5  DT n 
1 6  DA n 
1 7  DA n 
1 8  DT n 
1 9  DC n 
1 10 DG n 
# 
loop_
_chem_comp.id 
_chem_comp.type 
_chem_comp.mon_nstd_flag 
_chem_comp.name 
_chem_comp.pdbx_synonyms 
_chem_comp.formula 
_chem_comp.formula_weight 
DA  'DNA linking' y "2'-DEOXYADENOSINE-5'-MONOPHOSPHATE" ? 'C10 H14 N5 O6 P' 331.222 
DC  'DNA linking' y "2'-DEOXYCYTIDINE-5'-MONOPHOSPHATE"  ? 'C9 H14 N3 O7 P'  307.197 
DG  'DNA linking' y "2'-DEOXYGUANOSINE-5'-MONOPHOSPHATE" ? 'C10 H14 N5 O7 P' 347.221 
DT  'DNA linking' y "THYMIDINE-5'-MONOPHOSPHATE"         ? 'C10 H15 N2 O8 P' 322.208 
HOH non-polymer   . WATER                                ? 'H2 O'            18.015  
MG  non-polymer   . 'MAGNESIUM ION'                      ? 'Mg 2'            24.305  
# 
loop_
_pdbx_poly_seq_scheme.asym_id 
_pdbx_poly_seq_scheme.entity_id 
_pdbx_poly_seq_scheme.seq_id 
_pdbx_poly_seq_scheme.mon_id 
_pdbx_poly_seq_scheme.ndb_seq_num 
_pdbx_poly_seq_scheme.pdb_seq_num 
_pdbx_poly_seq_scheme.auth_seq_num 
_pdbx_poly_seq_scheme.pdb_mon_id 
_pdbx_poly_seq_scheme.auth_mon_id 
_pdbx_poly_seq_scheme.pdb_strand_id 
_pdbx_poly_seq_scheme.pdb_ins_code 
_pdbx_poly_seq_scheme.hetero 
A 1 1  DC 1  1  1  DC C A . n 
A 1 2  DG 2  2  2  DG G A . n 
A 1 3  DA 3  3  3  DA A A . n 
A 1 4  DT 4  4  4  DT T A . n 
A 1 5  DT 5  5  5  DT T A . n 
A 1 6  DA 6  6  6  DA A A . n 
A 1 7  DA 7  7  7  DA A A . n 
A 1 8  DT 8  8  8  DT T A . n 
A 1 9  DC 9  9  9  DC C A . n 
A 1 10 DG 10 10 10 DG G A . n 
B 1 1  DC 1  11 11 DC C B . n 
B 1 2  DG 2  12 12 DG G B . n 
B 1 3  DA 3  13 13 DA A B . n 
B 1 4  DT 4  14 14 DT T B . n 
B 1 5  DT 5  15 15 DT T B . n 
B 1 6  DA 6  16 16 DA A B . n 
B 1 7  DA 7  17 17 DA A B . n 
B 1 8  DT 8  18 18 DT T B . n 
B 1 9  DC 9  19 19 DC C B . n 
B 1 10 DG 10 20 20 DG G B . n 
# 
loop_
_pdbx_nonpoly_scheme.asym_id 
_pdbx_nonpoly_scheme.entity_id 
_pdbx_nonpoly_scheme.mon_id 
_pdbx_nonpoly_scheme.ndb_seq_num 
_pdbx_nonpoly_scheme.pdb_seq_num 
_pdbx_nonpoly_scheme.auth_seq_num 
_pdbx_nonpoly_scheme.pdb_mon_id 
_pdbx_nonpoly_scheme.auth_mon_id 
_pdbx_nonpoly_scheme.pdb_strand_id 
_pdbx_nonpoly_scheme.pdb_ins_code 
C 2 MG  1  21  21  MG  MO6 B . 
D 3 HOH 1  23  23  HOH HOH A . 
D 3 HOH 2  24  24  HOH HOH A . 
D 3 HOH 3  28  28  HOH HOH A . 
D 3 HOH 4  29  29  HOH HOH A . 
D 3 HOH 5  30  30  HOH HOH A . 
D 3 HOH 6  31  31  HOH HOH A . 
D 3 HOH 7  36  36  HOH HOH A . 
D 3 HOH 8  37  37  HOH HOH A . 
D 3 HOH 9  39  39  HOH HOH A . 
D 3 HOH 10 40  40  HOH HOH A . 
D 3 HOH 11 41  41  HOH HOH A . 
D 3 HOH 12 42  42  HOH HOH A . 
D 3 HOH 13 43  43  HOH HOH A . 
D 3 HOH 14 44  44  HOH HOH A . 
D 3 HOH 15 52  52  HOH HOH A . 
D 3 HOH 16 53  53  HOH HOH A . 
D 3 HOH 17 54  54  HOH HOH A . 
D 3 HOH 18 55  55  HOH HOH A . 
D 3 HOH 19 56  56  HOH HOH A . 
D 3 HOH 20 57  57  HOH HOH A . 
D 3 HOH 21 58  58  HOH HOH A . 
D 3 HOH 22 59  59  HOH HOH A . 
D 3 HOH 23 60  60  HOH HOH A . 
D 3 HOH 24 61  61  HOH HOH A . 
D 3 HOH 25 62  62  HOH HOH A . 
D 3 HOH 26 64  64  HOH HOH A . 
D 3 HOH 27 65  65  HOH HOH A . 
D 3 HOH 28 66  66  HOH HOH A . 
D 3 HOH 29 90  90  HOH HOH A . 
D 3 HOH 30 91  91  HOH HOH A . 
D 3 HOH 31 92  92  HOH HOH A . 
D 3 HOH 32 98  98  HOH HOH A . 
D 3 HOH 33 102 102 HOH HOH A . 
D 3 HOH 34 104 104 HOH HOH A . 
D 3 HOH 35 107 107 HOH HOH A . 
D 3 HOH 36 108 108 HOH HOH A . 
D 3 HOH 37 109 109 HOH HOH A . 
D 3 HOH 38 110 110 HOH HOH A . 
D 3 HOH 39 111 111 HOH HOH A . 
D 3 HOH 40 112 112 HOH HOH A . 
D 3 HOH 41 113 113 HOH HOH A . 
D 3 HOH 42 117 117 HOH HOH A . 
D 3 HOH 43 118 118 HOH HOH A . 
D 3 HOH 44 124 124 HOH HOH A . 
D 3 HOH 45 126 126 HOH HOH A . 
D 3 HOH 46 129 129 HOH HOH A . 
D 3 HOH 47 131 21  HOH MO6 A . 
D 3 HOH 48 132 21  HOH MO6 A . 
D 3 HOH 49 133 21  HOH MO6 A . 
D 3 HOH 50 134 21  HOH MO6 A . 
D 3 HOH 51 135 21  HOH MO6 A . 
E 3 HOH 1  22  22  HOH HOH B . 
E 3 HOH 2  25  25  HOH HOH B . 
E 3 HOH 3  26  26  HOH HOH B . 
E 3 HOH 4  27  27  HOH HOH B . 
E 3 HOH 5  32  32  HOH HOH B . 
E 3 HOH 6  33  33  HOH HOH B . 
E 3 HOH 7  34  34  HOH HOH B . 
E 3 HOH 8  35  35  HOH HOH B . 
E 3 HOH 9  38  38  HOH HOH B . 
E 3 HOH 10 45  45  HOH HOH B . 
E 3 HOH 11 46  46  HOH HOH B . 
E 3 HOH 12 47  47  HOH HOH B . 
E 3 HOH 13 48  48  HOH HOH B . 
E 3 HOH 14 49  49  HOH HOH B . 
E 3 HOH 15 50  50  HOH HOH B . 
E 3 HOH 16 51  51  HOH HOH B . 
E 3 HOH 17 63  63  HOH HOH B . 
E 3 HOH 18 67  67  HOH HOH B . 
E 3 HOH 19 68  68  HOH HOH B . 
E 3 HOH 20 69  69  HOH HOH B . 
E 3 HOH 21 70  70  HOH HOH B . 
E 3 HOH 22 71  71  HOH HOH B . 
E 3 HOH 23 72  72  HOH HOH B . 
E 3 HOH 24 73  73  HOH HOH B . 
E 3 HOH 25 74  74  HOH HOH B . 
E 3 HOH 26 75  75  HOH HOH B . 
E 3 HOH 27 76  76  HOH HOH B . 
E 3 HOH 28 77  77  HOH HOH B . 
E 3 HOH 29 78  78  HOH HOH B . 
E 3 HOH 30 79  79  HOH HOH B . 
E 3 HOH 31 80  80  HOH HOH B . 
E 3 HOH 32 81  81  HOH HOH B . 
E 3 HOH 33 82  82  HOH HOH B . 
E 3 HOH 34 83  83  HOH HOH B . 
E 3 HOH 35 84  84  HOH HOH B . 
E 3 HOH 36 85  85  HOH HOH B . 
E 3 HOH 37 86  86  HOH HOH B . 
E 3 HOH 38 87  87  HOH HOH B . 
E 3 HOH 39 88  88  HOH HOH B . 
E 3 HOH 40 89  89  HOH HOH B . 
E 3 HOH 41 93  93  HOH HOH B . 
E 3 HOH 42 94  94  HOH HOH B . 
E 3 HOH 43 95  95  HOH HOH B . 
E 3 HOH 44 96  96  HOH HOH B . 
E 3 HOH 45 97  97  HOH HOH B . 
E 3 HOH 46 99  99  HOH HOH B . 
E 3 HOH 47 100 100 HOH HOH B . 
E 3 HOH 48 101 101 HOH HOH B . 
E 3 HOH 49 103 103 HOH HOH B . 
E 3 HOH 50 105 105 HOH HOH B . 
E 3 HOH 51 106 106 HOH HOH B . 
E 3 HOH 52 114 114 HOH HOH B . 
E 3 HOH 53 115 115 HOH HOH B . 
E 3 HOH 54 116 116 HOH HOH B . 
E 3 HOH 55 119 119 HOH HOH B . 
E 3 HOH 56 120 120 HOH HOH B . 
E 3 HOH 57 121 121 HOH HOH B . 
E 3 HOH 58 122 122 HOH HOH B . 
E 3 HOH 59 123 123 HOH HOH B . 
E 3 HOH 60 125 125 HOH HOH B . 
E 3 HOH 61 127 127 HOH HOH B . 
E 3 HOH 62 128 128 HOH HOH B . 
E 3 HOH 63 130 21  HOH MO6 B . 
# 
_software.name             NUCLSQ 
_software.classification   refinement 
_software.version          . 
_software.citation_id      ? 
_software.pdbx_ordinal     1 
# 
_cell.entry_id           1D49 
_cell.length_a           38.600 
_cell.length_b           39.100 
_cell.length_c           33.070 
_cell.angle_alpha        90.00 
_cell.angle_beta         90.00 
_cell.angle_gamma        90.00 
_cell.Z_PDB              8 
_cell.pdbx_unique_axis   ? 
# 
_symmetry.entry_id                         1D49 
_symmetry.space_group_name_H-M             'P 21 21 21' 
_symmetry.pdbx_full_space_group_name_H-M   ? 
_symmetry.cell_setting                     ? 
_symmetry.Int_Tables_number                19 
# 
_exptl.entry_id          1D49 
_exptl.method            'X-RAY DIFFRACTION' 
_exptl.crystals_number   ? 
# 
_exptl_crystal.id                    1 
_exptl_crystal.density_meas          ? 
_exptl_crystal.density_Matthews      2.05 
_exptl_crystal.density_percent_sol   39.99 
_exptl_crystal.description           ? 
# 
_exptl_crystal_grow.crystal_id      1 
_exptl_crystal_grow.method          'VAPOR DIFFUSION, SITTING DROP' 
_exptl_crystal_grow.temp            277.00 
_exptl_crystal_grow.temp_details    ? 
_exptl_crystal_grow.pH              6.90 
_exptl_crystal_grow.pdbx_details    'pH 6.90, VAPOR DIFFUSION, SITTING DROP, temperature 277.00K' 
_exptl_crystal_grow.pdbx_pH_range   ? 
# 
loop_
_exptl_crystal_grow_comp.crystal_id 
_exptl_crystal_grow_comp.id 
_exptl_crystal_grow_comp.sol_id 
_exptl_crystal_grow_comp.name 
_exptl_crystal_grow_comp.volume 
_exptl_crystal_grow_comp.conc 
_exptl_crystal_grow_comp.details 
1 1 1 WATER        ? ? ? 
1 2 1 MPD          ? ? ? 
1 3 1 'MG ACETATE' ? ? ? 
1 4 1 SPERMINE_HCL ? ? ? 
1 5 2 WATER        ? ? ? 
1 6 2 MPD          ? ? ? 
# 
_diffrn.id                     1 
_diffrn.ambient_temp           273.00 
_diffrn.ambient_temp_details   ? 
_diffrn.crystal_id             1 
# 
_diffrn_detector.diffrn_id              1 
_diffrn_detector.detector               DIFFRACTOMETER 
_diffrn_detector.type                   'RIGAKU AFC-5' 
_diffrn_detector.pdbx_collection_date   ? 
_diffrn_detector.details                ? 
# 
_diffrn_radiation.diffrn_id                        1 
_diffrn_radiation.wavelength_id                    1 
_diffrn_radiation.pdbx_monochromatic_or_laue_m_l   ? 
_diffrn_radiation.monochromator                    ? 
_diffrn_radiation.pdbx_diffrn_protocol             ? 
_diffrn_radiation.pdbx_scattering_type             x-ray 
# 
_diffrn_radiation_wavelength.id           1 
_diffrn_radiation_wavelength.wavelength   . 
_diffrn_radiation_wavelength.wt           1.0 
# 
_diffrn_source.diffrn_id                   1 
_diffrn_source.source                      'ROTATING ANODE' 
_diffrn_source.type                        ? 
_diffrn_source.pdbx_synchrotron_site       ? 
_diffrn_source.pdbx_synchrotron_beamline   ? 
_diffrn_source.pdbx_wavelength             ? 
_diffrn_source.pdbx_wavelength_list        ? 
# 
_reflns.entry_id                     1D49 
_reflns.observed_criterion_sigma_I   ? 
_reflns.observed_criterion_sigma_F   2.000 
_reflns.d_resolution_low             8.000 
_reflns.d_resolution_high            1.500 
_reflns.number_obs                   3793 
_reflns.number_all                   7763 
_reflns.percent_possible_obs         ? 
_reflns.pdbx_Rmerge_I_obs            ? 
_reflns.pdbx_Rsym_value              ? 
_reflns.pdbx_netI_over_sigmaI        ? 
_reflns.B_iso_Wilson_estimate        ? 
_reflns.pdbx_redundancy              ? 
_reflns.pdbx_diffrn_id               1 
_reflns.pdbx_ordinal                 1 
# 
_refine.entry_id                                 1D49 
_refine.ls_number_reflns_obs                     3793 
_refine.ls_number_reflns_all                     ? 
_refine.pdbx_ls_sigma_I                          ? 
_refine.pdbx_ls_sigma_F                          2.000 
_refine.pdbx_data_cutoff_high_absF               ? 
_refine.pdbx_data_cutoff_low_absF                ? 
_refine.pdbx_data_cutoff_high_rms_absF           ? 
_refine.ls_d_res_low                             8.000 
_refine.ls_d_res_high                            1.500 
_refine.ls_percent_reflns_obs                    ? 
_refine.ls_R_factor_obs                          0.1570000 
_refine.ls_R_factor_all                          ? 
_refine.ls_R_factor_R_work                       ? 
_refine.ls_R_factor_R_free                       ? 
_refine.ls_R_factor_R_free_error                 ? 
_refine.ls_R_factor_R_free_error_details         ? 
_refine.ls_percent_reflns_R_free                 ? 
_refine.ls_number_reflns_R_free                  ? 
_refine.ls_number_parameters                     ? 
_refine.ls_number_restraints                     ? 
_refine.occupancy_min                            ? 
_refine.occupancy_max                            ? 
_refine.B_iso_mean                               ? 
_refine.aniso_B[1][1]                            ? 
_refine.aniso_B[2][2]                            ? 
_refine.aniso_B[3][3]                            ? 
_refine.aniso_B[1][2]                            ? 
_refine.aniso_B[1][3]                            ? 
_refine.aniso_B[2][3]                            ? 
_refine.solvent_model_details                    ? 
_refine.solvent_model_param_ksol                 ? 
_refine.solvent_model_param_bsol                 ? 
_refine.pdbx_ls_cross_valid_method               ? 
_refine.details                                  ? 
_refine.pdbx_starting_model                      ? 
_refine.pdbx_method_to_determine_struct          ? 
_refine.pdbx_isotropic_thermal_model             ? 
_refine.pdbx_stereochemistry_target_values       ? 
_refine.pdbx_stereochem_target_val_spec_case     ? 
_refine.pdbx_R_Free_selection_details            ? 
_refine.pdbx_overall_ESU_R                       ? 
_refine.pdbx_overall_ESU_R_Free                  ? 
_refine.overall_SU_ML                            ? 
_refine.overall_SU_B                             ? 
_refine.pdbx_refine_id                           'X-RAY DIFFRACTION' 
_refine.pdbx_diffrn_id                           1 
_refine.pdbx_TLS_residual_ADP_flag               ? 
_refine.correlation_coeff_Fo_to_Fc               ? 
_refine.correlation_coeff_Fo_to_Fc_free          ? 
_refine.pdbx_solvent_vdw_probe_radii             ? 
_refine.pdbx_solvent_ion_probe_radii             ? 
_refine.pdbx_solvent_shrinkage_radii             ? 
_refine.pdbx_overall_phase_error                 ? 
_refine.overall_SU_R_Cruickshank_DPI             ? 
_refine.pdbx_overall_SU_R_free_Cruickshank_DPI   ? 
_refine.pdbx_overall_SU_R_Blow_DPI               ? 
_refine.pdbx_overall_SU_R_free_Blow_DPI          ? 
# 
_refine_hist.pdbx_refine_id                   'X-RAY DIFFRACTION' 
_refine_hist.cycle_id                         LAST 
_refine_hist.pdbx_number_atoms_protein        0 
_refine_hist.pdbx_number_atoms_nucleic_acid   404 
_refine_hist.pdbx_number_atoms_ligand         7 
_refine_hist.number_atoms_solvent             108 
_refine_hist.number_atoms_total               519 
_refine_hist.d_res_high                       1.500 
_refine_hist.d_res_low                        8.000 
# 
_struct.entry_id                  1D49 
_struct.title                     'THE STRUCTURE OF A B-DNA DECAMER WITH A CENTRAL T-A STEP: C-G-A-T-T-A-A-T-C-G' 
_struct.pdbx_model_details        ? 
_struct.pdbx_CASP_flag            ? 
_struct.pdbx_model_type_details   ? 
# 
_struct_keywords.entry_id        1D49 
_struct_keywords.pdbx_keywords   DNA 
_struct_keywords.text            'B-DNA, DOUBLE HELIX, DNA' 
# 
loop_
_struct_asym.id 
_struct_asym.pdbx_blank_PDB_chainid_flag 
_struct_asym.pdbx_modified 
_struct_asym.entity_id 
_struct_asym.details 
A N N 1 ? 
B N N 1 ? 
C N N 2 ? 
D N N 3 ? 
E N N 3 ? 
# 
_struct_ref.id                         1 
_struct_ref.entity_id                  1 
_struct_ref.db_name                    PDB 
_struct_ref.db_code                    1D49 
_struct_ref.pdbx_db_accession          1D49 
_struct_ref.pdbx_db_isoform            ? 
_struct_ref.pdbx_seq_one_letter_code   ? 
_struct_ref.pdbx_align_begin           ? 
# 
loop_
_struct_ref_seq.align_id 
_struct_ref_seq.ref_id 
_struct_ref_seq.pdbx_PDB_id_code 
_struct_ref_seq.pdbx_strand_id 
_struct_ref_seq.seq_align_beg 
_struct_ref_seq.pdbx_seq_align_beg_ins_code 
_struct_ref_seq.seq_align_end 
_struct_ref_seq.pdbx_seq_align_end_ins_code 
_struct_ref_seq.pdbx_db_accession 
_struct_ref_seq.db_align_beg 
_struct_ref_seq.pdbx_db_align_beg_ins_code 
_struct_ref_seq.db_align_end 
_struct_ref_seq.pdbx_db_align_end_ins_code 
_struct_ref_seq.pdbx_auth_seq_align_beg 
_struct_ref_seq.pdbx_auth_seq_align_end 
1 1 1D49 A 1 ? 10 ? 1D49 1  ? 10 ? 1  10 
2 1 1D49 B 1 ? 10 ? 1D49 11 ? 20 ? 11 20 
# 
_pdbx_struct_assembly.id                   1 
_pdbx_struct_assembly.details              author_defined_assembly 
_pdbx_struct_assembly.method_details       ? 
_pdbx_struct_assembly.oligomeric_details   dimeric 
_pdbx_struct_assembly.oligomeric_count     2 
# 
_pdbx_struct_assembly_gen.assembly_id       1 
_pdbx_struct_assembly_gen.oper_expression   1 
_pdbx_struct_assembly_gen.asym_id_list      A,B,C,D,E 
# 
_pdbx_struct_oper_list.id                   1 
_pdbx_struct_oper_list.type                 'identity operation' 
_pdbx_struct_oper_list.name                 1_555 
_pdbx_struct_oper_list.symmetry_operation   x,y,z 
_pdbx_struct_oper_list.matrix[1][1]         1.0000000000 
_pdbx_struct_oper_list.matrix[1][2]         0.0000000000 
_pdbx_struct_oper_list.matrix[1][3]         0.0000000000 
_pdbx_struct_oper_list.vector[1]            0.0000000000 
_pdbx_struct_oper_list.matrix[2][1]         0.0000000000 
_pdbx_struct_oper_list.matrix[2][2]         1.0000000000 
_pdbx_struct_oper_list.matrix[2][3]         0.0000000000 
_pdbx_struct_oper_list.vector[2]            0.0000000000 
_pdbx_struct_oper_list.matrix[3][1]         0.0000000000 
_pdbx_struct_oper_list.matrix[3][2]         0.0000000000 
_pdbx_struct_oper_list.matrix[3][3]         1.0000000000 
_pdbx_struct_oper_list.vector[3]            0.0000000000 
# 
_struct_biol.id   1 
# 
loop_
_struct_conn.id 
_struct_conn.conn_type_id 
_struct_conn.pdbx_leaving_atom_flag 
_struct_conn.pdbx_PDB_id 
_struct_conn.ptnr1_label_asym_id 
_struct_conn.ptnr1_label_comp_id 
_struct_conn.ptnr1_label_seq_id 
_struct_conn.ptnr1_label_atom_id 
_struct_conn.pdbx_ptnr1_label_alt_id 
_struct_conn.pdbx_ptnr1_PDB_ins_code 
_struct_conn.pdbx_ptnr1_standard_comp_id 
_struct_conn.ptnr1_symmetry 
_struct_conn.ptnr2_label_asym_id 
_struct_conn.ptnr2_label_comp_id 
_struct_conn.ptnr2_label_seq_id 
_struct_conn.ptnr2_label_atom_id 
_struct_conn.pdbx_ptnr2_label_alt_id 
_struct_conn.pdbx_ptnr2_PDB_ins_code 
_struct_conn.ptnr1_auth_asym_id 
_struct_conn.ptnr1_auth_comp_id 
_struct_conn.ptnr1_auth_seq_id 
_struct_conn.ptnr2_auth_asym_id 
_struct_conn.ptnr2_auth_comp_id 
_struct_conn.ptnr2_auth_seq_id 
_struct_conn.ptnr2_symmetry 
_struct_conn.pdbx_ptnr3_label_atom_id 
_struct_conn.pdbx_ptnr3_label_seq_id 
_struct_conn.pdbx_ptnr3_label_comp_id 
_struct_conn.pdbx_ptnr3_label_asym_id 
_struct_conn.pdbx_ptnr3_label_alt_id 
_struct_conn.pdbx_ptnr3_PDB_ins_code 
_struct_conn.details 
_struct_conn.pdbx_dist_value 
_struct_conn.pdbx_value_order 
_struct_conn.pdbx_role 
metalc1  metalc ? ? D HOH .  O  ? ? ? 1_555 C MG  .  MG ? ? A HOH 131 B MG  21  1_555 ? ? ? ? ? ? ?            2.017 ? ? 
metalc2  metalc ? ? D HOH .  O  ? ? ? 1_555 C MG  .  MG ? ? A HOH 132 B MG  21  1_555 ? ? ? ? ? ? ?            2.043 ? ? 
metalc3  metalc ? ? D HOH .  O  ? ? ? 1_555 C MG  .  MG ? ? A HOH 133 B MG  21  1_555 ? ? ? ? ? ? ?            1.954 ? ? 
metalc4  metalc ? ? D HOH .  O  ? ? ? 1_555 C MG  .  MG ? ? A HOH 134 B MG  21  1_555 ? ? ? ? ? ? ?            2.093 ? ? 
metalc5  metalc ? ? D HOH .  O  ? ? ? 1_555 C MG  .  MG ? ? A HOH 135 B MG  21  1_555 ? ? ? ? ? ? ?            1.924 ? ? 
metalc6  metalc ? ? C MG  .  MG ? ? ? 1_555 E HOH .  O  ? ? B MG  21  B HOH 130 1_555 ? ? ? ? ? ? ?            2.096 ? ? 
hydrog1  hydrog ? ? A DC  1  N3 ? ? ? 1_555 B DG  10 N1 ? ? A DC  1   B DG  20  1_555 ? ? ? ? ? ? WATSON-CRICK ?     ? ? 
hydrog2  hydrog ? ? A DC  1  N4 ? ? ? 1_555 B DG  10 O6 ? ? A DC  1   B DG  20  1_555 ? ? ? ? ? ? WATSON-CRICK ?     ? ? 
hydrog3  hydrog ? ? A DC  1  O2 ? ? ? 1_555 B DG  10 N2 ? ? A DC  1   B DG  20  1_555 ? ? ? ? ? ? WATSON-CRICK ?     ? ? 
hydrog4  hydrog ? ? A DG  2  N1 ? ? ? 1_555 B DC  9  N3 ? ? A DG  2   B DC  19  1_555 ? ? ? ? ? ? WATSON-CRICK ?     ? ? 
hydrog5  hydrog ? ? A DG  2  N2 ? ? ? 1_555 B DC  9  O2 ? ? A DG  2   B DC  19  1_555 ? ? ? ? ? ? WATSON-CRICK ?     ? ? 
hydrog6  hydrog ? ? A DG  2  O6 ? ? ? 1_555 B DC  9  N4 ? ? A DG  2   B DC  19  1_555 ? ? ? ? ? ? WATSON-CRICK ?     ? ? 
hydrog7  hydrog ? ? A DA  3  N1 ? ? ? 1_555 B DT  8  N3 ? ? A DA  3   B DT  18  1_555 ? ? ? ? ? ? WATSON-CRICK ?     ? ? 
hydrog8  hydrog ? ? A DA  3  N6 ? ? ? 1_555 B DT  8  O4 ? ? A DA  3   B DT  18  1_555 ? ? ? ? ? ? WATSON-CRICK ?     ? ? 
hydrog9  hydrog ? ? A DT  4  N3 ? ? ? 1_555 B DA  7  N1 ? ? A DT  4   B DA  17  1_555 ? ? ? ? ? ? WATSON-CRICK ?     ? ? 
hydrog10 hydrog ? ? A DT  4  O4 ? ? ? 1_555 B DA  7  N6 ? ? A DT  4   B DA  17  1_555 ? ? ? ? ? ? WATSON-CRICK ?     ? ? 
hydrog11 hydrog ? ? A DT  5  N3 ? ? ? 1_555 B DA  6  N1 ? ? A DT  5   B DA  16  1_555 ? ? ? ? ? ? WATSON-CRICK ?     ? ? 
hydrog12 hydrog ? ? A DT  5  O4 ? ? ? 1_555 B DA  6  N6 ? ? A DT  5   B DA  16  1_555 ? ? ? ? ? ? WATSON-CRICK ?     ? ? 
hydrog13 hydrog ? ? A DA  6  N1 ? ? ? 1_555 B DT  5  N3 ? ? A DA  6   B DT  15  1_555 ? ? ? ? ? ? WATSON-CRICK ?     ? ? 
hydrog14 hydrog ? ? A DA  6  N6 ? ? ? 1_555 B DT  5  O4 ? ? A DA  6   B DT  15  1_555 ? ? ? ? ? ? WATSON-CRICK ?     ? ? 
hydrog15 hydrog ? ? A DA  7  N1 ? ? ? 1_555 B DT  4  N3 ? ? A DA  7   B DT  14  1_555 ? ? ? ? ? ? WATSON-CRICK ?     ? ? 
hydrog16 hydrog ? ? A DA  7  N6 ? ? ? 1_555 B DT  4  O4 ? ? A DA  7   B DT  14  1_555 ? ? ? ? ? ? WATSON-CRICK ?     ? ? 
hydrog17 hydrog ? ? A DT  8  N3 ? ? ? 1_555 B DA  3  N1 ? ? A DT  8   B DA  13  1_555 ? ? ? ? ? ? WATSON-CRICK ?     ? ? 
hydrog18 hydrog ? ? A DT  8  O4 ? ? ? 1_555 B DA  3  N6 ? ? A DT  8   B DA  13  1_555 ? ? ? ? ? ? WATSON-CRICK ?     ? ? 
hydrog19 hydrog ? ? A DC  9  N3 ? ? ? 1_555 B DG  2  N1 ? ? A DC  9   B DG  12  1_555 ? ? ? ? ? ? WATSON-CRICK ?     ? ? 
hydrog20 hydrog ? ? A DC  9  N4 ? ? ? 1_555 B DG  2  O6 ? ? A DC  9   B DG  12  1_555 ? ? ? ? ? ? WATSON-CRICK ?     ? ? 
hydrog21 hydrog ? ? A DC  9  O2 ? ? ? 1_555 B DG  2  N2 ? ? A DC  9   B DG  12  1_555 ? ? ? ? ? ? WATSON-CRICK ?     ? ? 
hydrog22 hydrog ? ? A DG  10 N1 ? ? ? 1_555 B DC  1  N3 ? ? A DG  10  B DC  11  1_555 ? ? ? ? ? ? WATSON-CRICK ?     ? ? 
hydrog23 hydrog ? ? A DG  10 N2 ? ? ? 1_555 B DC  1  O2 ? ? A DG  10  B DC  11  1_555 ? ? ? ? ? ? WATSON-CRICK ?     ? ? 
hydrog24 hydrog ? ? A DG  10 O6 ? ? ? 1_555 B DC  1  N4 ? ? A DG  10  B DC  11  1_555 ? ? ? ? ? ? WATSON-CRICK ?     ? ? 
# 
loop_
_struct_conn_type.id 
_struct_conn_type.criteria 
_struct_conn_type.reference 
metalc ? ? 
hydrog ? ? 
# 
loop_
_pdbx_struct_conn_angle.id 
_pdbx_struct_conn_angle.ptnr1_label_atom_id 
_pdbx_struct_conn_angle.ptnr1_label_alt_id 
_pdbx_struct_conn_angle.ptnr1_label_asym_id 
_pdbx_struct_conn_angle.ptnr1_label_comp_id 
_pdbx_struct_conn_angle.ptnr1_label_seq_id 
_pdbx_struct_conn_angle.ptnr1_auth_atom_id 
_pdbx_struct_conn_angle.ptnr1_auth_asym_id 
_pdbx_struct_conn_angle.ptnr1_auth_comp_id 
_pdbx_struct_conn_angle.ptnr1_auth_seq_id 
_pdbx_struct_conn_angle.ptnr1_PDB_ins_code 
_pdbx_struct_conn_angle.ptnr1_symmetry 
_pdbx_struct_conn_angle.ptnr2_label_atom_id 
_pdbx_struct_conn_angle.ptnr2_label_alt_id 
_pdbx_struct_conn_angle.ptnr2_label_asym_id 
_pdbx_struct_conn_angle.ptnr2_label_comp_id 
_pdbx_struct_conn_angle.ptnr2_label_seq_id 
_pdbx_struct_conn_angle.ptnr2_auth_atom_id 
_pdbx_struct_conn_angle.ptnr2_auth_asym_id 
_pdbx_struct_conn_angle.ptnr2_auth_comp_id 
_pdbx_struct_conn_angle.ptnr2_auth_seq_id 
_pdbx_struct_conn_angle.ptnr2_PDB_ins_code 
_pdbx_struct_conn_angle.ptnr2_symmetry 
_pdbx_struct_conn_angle.ptnr3_label_atom_id 
_pdbx_struct_conn_angle.ptnr3_label_alt_id 
_pdbx_struct_conn_angle.ptnr3_label_asym_id 
_pdbx_struct_conn_angle.ptnr3_label_comp_id 
_pdbx_struct_conn_angle.ptnr3_label_seq_id 
_pdbx_struct_conn_angle.ptnr3_auth_atom_id 
_pdbx_struct_conn_angle.ptnr3_auth_asym_id 
_pdbx_struct_conn_angle.ptnr3_auth_comp_id 
_pdbx_struct_conn_angle.ptnr3_auth_seq_id 
_pdbx_struct_conn_angle.ptnr3_PDB_ins_code 
_pdbx_struct_conn_angle.ptnr3_symmetry 
_pdbx_struct_conn_angle.value 
_pdbx_struct_conn_angle.value_esd 
1  O ? D HOH . ? A HOH 131 ? 1_555 MG ? C MG . ? B MG 21 ? 1_555 O ? D HOH . ? A HOH 132 ? 1_555 90.3  ? 
2  O ? D HOH . ? A HOH 131 ? 1_555 MG ? C MG . ? B MG 21 ? 1_555 O ? D HOH . ? A HOH 133 ? 1_555 90.8  ? 
3  O ? D HOH . ? A HOH 132 ? 1_555 MG ? C MG . ? B MG 21 ? 1_555 O ? D HOH . ? A HOH 133 ? 1_555 168.5 ? 
4  O ? D HOH . ? A HOH 131 ? 1_555 MG ? C MG . ? B MG 21 ? 1_555 O ? D HOH . ? A HOH 134 ? 1_555 90.7  ? 
5  O ? D HOH . ? A HOH 132 ? 1_555 MG ? C MG . ? B MG 21 ? 1_555 O ? D HOH . ? A HOH 134 ? 1_555 80.3  ? 
6  O ? D HOH . ? A HOH 133 ? 1_555 MG ? C MG . ? B MG 21 ? 1_555 O ? D HOH . ? A HOH 134 ? 1_555 88.2  ? 
7  O ? D HOH . ? A HOH 131 ? 1_555 MG ? C MG . ? B MG 21 ? 1_555 O ? D HOH . ? A HOH 135 ? 1_555 91.7  ? 
8  O ? D HOH . ? A HOH 132 ? 1_555 MG ? C MG . ? B MG 21 ? 1_555 O ? D HOH . ? A HOH 135 ? 1_555 90.1  ? 
9  O ? D HOH . ? A HOH 133 ? 1_555 MG ? C MG . ? B MG 21 ? 1_555 O ? D HOH . ? A HOH 135 ? 1_555 101.3 ? 
10 O ? D HOH . ? A HOH 134 ? 1_555 MG ? C MG . ? B MG 21 ? 1_555 O ? D HOH . ? A HOH 135 ? 1_555 170.1 ? 
11 O ? D HOH . ? A HOH 131 ? 1_555 MG ? C MG . ? B MG 21 ? 1_555 O ? E HOH . ? B HOH 130 ? 1_555 176.7 ? 
12 O ? D HOH . ? A HOH 132 ? 1_555 MG ? C MG . ? B MG 21 ? 1_555 O ? E HOH . ? B HOH 130 ? 1_555 87.1  ? 
13 O ? D HOH . ? A HOH 133 ? 1_555 MG ? C MG . ? B MG 21 ? 1_555 O ? E HOH . ? B HOH 130 ? 1_555 91.3  ? 
14 O ? D HOH . ? A HOH 134 ? 1_555 MG ? C MG . ? B MG 21 ? 1_555 O ? E HOH . ? B HOH 130 ? 1_555 86.8  ? 
15 O ? D HOH . ? A HOH 135 ? 1_555 MG ? C MG . ? B MG 21 ? 1_555 O ? E HOH . ? B HOH 130 ? 1_555 90.3  ? 
# 
_struct_site.id                   AC1 
_struct_site.pdbx_evidence_code   Software 
_struct_site.pdbx_auth_asym_id    B 
_struct_site.pdbx_auth_comp_id    MG 
_struct_site.pdbx_auth_seq_id     21 
_struct_site.pdbx_auth_ins_code   ? 
_struct_site.pdbx_num_residues    6 
_struct_site.details              'BINDING SITE FOR RESIDUE MG B 21' 
# 
loop_
_struct_site_gen.id 
_struct_site_gen.site_id 
_struct_site_gen.pdbx_num_res 
_struct_site_gen.label_comp_id 
_struct_site_gen.label_asym_id 
_struct_site_gen.label_seq_id 
_struct_site_gen.pdbx_auth_ins_code 
_struct_site_gen.auth_comp_id 
_struct_site_gen.auth_asym_id 
_struct_site_gen.auth_seq_id 
_struct_site_gen.label_atom_id 
_struct_site_gen.label_alt_id 
_struct_site_gen.symmetry 
_struct_site_gen.details 
1 AC1 6 HOH D . ? HOH A 131 . ? 1_555 ? 
2 AC1 6 HOH D . ? HOH A 132 . ? 1_555 ? 
3 AC1 6 HOH D . ? HOH A 133 . ? 1_555 ? 
4 AC1 6 HOH D . ? HOH A 134 . ? 1_555 ? 
5 AC1 6 HOH D . ? HOH A 135 . ? 1_555 ? 
6 AC1 6 HOH E . ? HOH B 130 . ? 1_555 ? 
# 
loop_
_pdbx_validate_close_contact.id 
_pdbx_validate_close_contact.PDB_model_num 
_pdbx_validate_close_contact.auth_atom_id_1 
_pdbx_validate_close_contact.auth_asym_id_1 
_pdbx_validate_close_contact.auth_comp_id_1 
_pdbx_validate_close_contact.auth_seq_id_1 
_pdbx_validate_close_contact.PDB_ins_code_1 
_pdbx_validate_close_contact.label_alt_id_1 
_pdbx_validate_close_contact.auth_atom_id_2 
_pdbx_validate_close_contact.auth_asym_id_2 
_pdbx_validate_close_contact.auth_comp_id_2 
_pdbx_validate_close_contact.auth_seq_id_2 
_pdbx_validate_close_contact.PDB_ins_code_2 
_pdbx_validate_close_contact.label_alt_id_2 
_pdbx_validate_close_contact.dist 
1 1 O     A HOH 52 ? ? O A HOH 53 ? ? 2.03 
2 1 "O5'" A DA  3  ? ? O A HOH 52 ? ? 2.17 
# 
loop_
_pdbx_validate_symm_contact.id 
_pdbx_validate_symm_contact.PDB_model_num 
_pdbx_validate_symm_contact.auth_atom_id_1 
_pdbx_validate_symm_contact.auth_asym_id_1 
_pdbx_validate_symm_contact.auth_comp_id_1 
_pdbx_validate_symm_contact.auth_seq_id_1 
_pdbx_validate_symm_contact.PDB_ins_code_1 
_pdbx_validate_symm_contact.label_alt_id_1 
_pdbx_validate_symm_contact.site_symmetry_1 
_pdbx_validate_symm_contact.auth_atom_id_2 
_pdbx_validate_symm_contact.auth_asym_id_2 
_pdbx_validate_symm_contact.auth_comp_id_2 
_pdbx_validate_symm_contact.auth_seq_id_2 
_pdbx_validate_symm_contact.PDB_ins_code_2 
_pdbx_validate_symm_contact.label_alt_id_2 
_pdbx_validate_symm_contact.site_symmetry_2 
_pdbx_validate_symm_contact.dist 
1 1 O     B HOH 93 ? ? 1_555 O     B HOH 94 ? ? 1_554 2.00 
2 1 "C5'" A DC  1  ? ? 1_555 "O3'" A DG  10 ? ? 1_554 2.06 
# 
loop_
_pdbx_validate_rmsd_bond.id 
_pdbx_validate_rmsd_bond.PDB_model_num 
_pdbx_validate_rmsd_bond.auth_atom_id_1 
_pdbx_validate_rmsd_bond.auth_asym_id_1 
_pdbx_validate_rmsd_bond.auth_comp_id_1 
_pdbx_validate_rmsd_bond.auth_seq_id_1 
_pdbx_validate_rmsd_bond.PDB_ins_code_1 
_pdbx_validate_rmsd_bond.label_alt_id_1 
_pdbx_validate_rmsd_bond.auth_atom_id_2 
_pdbx_validate_rmsd_bond.auth_asym_id_2 
_pdbx_validate_rmsd_bond.auth_comp_id_2 
_pdbx_validate_rmsd_bond.auth_seq_id_2 
_pdbx_validate_rmsd_bond.PDB_ins_code_2 
_pdbx_validate_rmsd_bond.label_alt_id_2 
_pdbx_validate_rmsd_bond.bond_value 
_pdbx_validate_rmsd_bond.bond_target_value 
_pdbx_validate_rmsd_bond.bond_deviation 
_pdbx_validate_rmsd_bond.bond_standard_deviation 
_pdbx_validate_rmsd_bond.linker_flag 
1 1 "O4'" A DT 5  ? ? "C1'" A DT 5  ? ? 1.511 1.420 0.091  0.011 N 
2 1 "C2'" B DA 13 ? ? "C1'" B DA 13 ? ? 1.450 1.518 -0.068 0.010 N 
3 1 "C2'" B DT 14 ? ? "C1'" B DT 14 ? ? 1.452 1.518 -0.066 0.010 N 
4 1 "O4'" B DT 14 ? ? "C1'" B DT 14 ? ? 1.510 1.420 0.090  0.011 N 
5 1 "C2'" B DT 15 ? ? "C1'" B DT 15 ? ? 1.452 1.518 -0.066 0.010 N 
6 1 "O4'" B DT 15 ? ? "C1'" B DT 15 ? ? 1.501 1.420 0.081  0.011 N 
7 1 "C3'" B DA 17 ? ? "C2'" B DA 17 ? ? 1.466 1.516 -0.050 0.008 N 
8 1 "O4'" B DC 19 ? ? "C1'" B DC 19 ? ? 1.506 1.420 0.086  0.011 N 
# 
loop_
_pdbx_validate_rmsd_angle.id 
_pdbx_validate_rmsd_angle.PDB_model_num 
_pdbx_validate_rmsd_angle.auth_atom_id_1 
_pdbx_validate_rmsd_angle.auth_asym_id_1 
_pdbx_validate_rmsd_angle.auth_comp_id_1 
_pdbx_validate_rmsd_angle.auth_seq_id_1 
_pdbx_validate_rmsd_angle.PDB_ins_code_1 
_pdbx_validate_rmsd_angle.label_alt_id_1 
_pdbx_validate_rmsd_angle.auth_atom_id_2 
_pdbx_validate_rmsd_angle.auth_asym_id_2 
_pdbx_validate_rmsd_angle.auth_comp_id_2 
_pdbx_validate_rmsd_angle.auth_seq_id_2 
_pdbx_validate_rmsd_angle.PDB_ins_code_2 
_pdbx_validate_rmsd_angle.label_alt_id_2 
_pdbx_validate_rmsd_angle.auth_atom_id_3 
_pdbx_validate_rmsd_angle.auth_asym_id_3 
_pdbx_validate_rmsd_angle.auth_comp_id_3 
_pdbx_validate_rmsd_angle.auth_seq_id_3 
_pdbx_validate_rmsd_angle.PDB_ins_code_3 
_pdbx_validate_rmsd_angle.label_alt_id_3 
_pdbx_validate_rmsd_angle.angle_value 
_pdbx_validate_rmsd_angle.angle_target_value 
_pdbx_validate_rmsd_angle.angle_deviation 
_pdbx_validate_rmsd_angle.angle_standard_deviation 
_pdbx_validate_rmsd_angle.linker_flag 
1  1 "O4'" A DC 1  ? ? "C1'" A DC 1  ? ? N1    A DC 1  ? ? 111.38 108.30 3.08   0.30 N 
2  1 C2    A DC 1  ? ? N3    A DC 1  ? ? C4    A DC 1  ? ? 122.99 119.90 3.09   0.50 N 
3  1 N3    A DC 1  ? ? C4    A DC 1  ? ? C5    A DC 1  ? ? 119.31 121.90 -2.59  0.40 N 
4  1 "C3'" A DC 1  ? ? "O3'" A DC 1  ? ? P     A DG 2  ? ? 132.16 119.70 12.46  1.20 Y 
5  1 OP1   A DG 2  ? ? P     A DG 2  ? ? OP2   A DG 2  ? ? 110.42 119.60 -9.18  1.50 N 
6  1 "O4'" A DG 2  ? ? "C1'" A DG 2  ? ? N9    A DG 2  ? ? 111.65 108.30 3.35   0.30 N 
7  1 N1    A DG 2  ? ? C2    A DG 2  ? ? N3    A DG 2  ? ? 127.65 123.90 3.75   0.60 N 
8  1 C2    A DG 2  ? ? N3    A DG 2  ? ? C4    A DG 2  ? ? 108.71 111.90 -3.19  0.50 N 
9  1 "C3'" A DG 2  ? ? "O3'" A DG 2  ? ? P     A DA 3  ? ? 133.86 119.70 14.16  1.20 Y 
10 1 N1    A DA 3  ? ? C2    A DA 3  ? ? N3    A DA 3  ? ? 126.19 129.30 -3.11  0.50 N 
11 1 "C3'" A DA 3  ? ? "O3'" A DA 3  ? ? P     A DT 4  ? ? 127.86 119.70 8.16   1.20 Y 
12 1 C2    A DT 4  ? ? N3    A DT 4  ? ? C4    A DT 4  ? ? 122.32 127.20 -4.88  0.60 N 
13 1 "O5'" A DT 5  ? ? P     A DT 5  ? ? OP1   A DT 5  ? ? 122.36 110.70 11.66  1.20 N 
14 1 "O5'" A DT 5  ? ? "C5'" A DT 5  ? ? "C4'" A DT 5  ? ? 102.56 109.40 -6.84  0.80 N 
15 1 "O4'" A DT 5  ? ? "C1'" A DT 5  ? ? N1    A DT 5  ? ? 101.68 108.00 -6.32  0.70 N 
16 1 C2    A DT 5  ? ? N3    A DT 5  ? ? C4    A DT 5  ? ? 123.25 127.20 -3.95  0.60 N 
17 1 N3    A DT 5  ? ? C4    A DT 5  ? ? C5    A DT 5  ? ? 119.15 115.20 3.95   0.60 N 
18 1 C5    A DT 5  ? ? C4    A DT 5  ? ? O4    A DT 5  ? ? 120.30 124.90 -4.60  0.70 N 
19 1 "O4'" A DA 6  ? ? "C1'" A DA 6  ? ? N9    A DA 6  ? ? 112.78 108.30 4.48   0.30 N 
20 1 C6    A DA 6  ? ? N1    A DA 6  ? ? C2    A DA 6  ? ? 123.22 118.60 4.62   0.60 N 
21 1 N1    A DA 6  ? ? C2    A DA 6  ? ? N3    A DA 6  ? ? 125.76 129.30 -3.54  0.50 N 
22 1 C5    A DA 6  ? ? C6    A DA 6  ? ? N1    A DA 6  ? ? 114.58 117.70 -3.12  0.50 N 
23 1 "O4'" A DA 7  ? ? "C1'" A DA 7  ? ? N9    A DA 7  ? ? 110.50 108.30 2.20   0.30 N 
24 1 C6    A DA 7  ? ? N1    A DA 7  ? ? C2    A DA 7  ? ? 125.39 118.60 6.79   0.60 N 
25 1 N1    A DA 7  ? ? C2    A DA 7  ? ? N3    A DA 7  ? ? 123.54 129.30 -5.76  0.50 N 
26 1 C5    A DA 7  ? ? C6    A DA 7  ? ? N1    A DA 7  ? ? 114.28 117.70 -3.42  0.50 N 
27 1 "C3'" A DA 7  ? ? "O3'" A DA 7  ? ? P     A DT 8  ? ? 129.56 119.70 9.86   1.20 Y 
28 1 "O3'" A DA 7  ? ? P     A DT 8  ? ? "O5'" A DT 8  ? ? 115.85 104.00 11.85  1.90 Y 
29 1 "O5'" A DT 8  ? ? "C5'" A DT 8  ? ? "C4'" A DT 8  ? ? 103.21 109.40 -6.19  0.80 N 
30 1 C2    A DT 8  ? ? N3    A DT 8  ? ? C4    A DT 8  ? ? 121.98 127.20 -5.22  0.60 N 
31 1 N3    A DT 8  ? ? C4    A DT 8  ? ? O4    A DT 8  ? ? 114.66 119.90 -5.24  0.60 N 
32 1 "C3'" A DT 8  ? ? "O3'" A DT 8  ? ? P     A DC 9  ? ? 138.28 119.70 18.58  1.20 Y 
33 1 N3    A DC 9  ? ? C4    A DC 9  ? ? C5    A DC 9  ? ? 119.44 121.90 -2.46  0.40 N 
34 1 N1    A DC 9  ? ? C2    A DC 9  ? ? O2    A DC 9  ? ? 123.26 118.90 4.36   0.60 N 
35 1 P     A DG 10 ? ? "O5'" A DG 10 ? ? "C5'" A DG 10 ? ? 109.22 120.90 -11.68 1.60 N 
36 1 "O4'" A DG 10 ? ? "C1'" A DG 10 ? ? N9    A DG 10 ? ? 110.93 108.30 2.63   0.30 N 
37 1 "C3'" B DC 11 ? ? "C2'" B DC 11 ? ? "C1'" B DC 11 ? ? 97.08  102.40 -5.32  0.80 N 
38 1 "O4'" B DC 11 ? ? "C1'" B DC 11 ? ? N1    B DC 11 ? ? 114.86 108.30 6.56   0.30 N 
39 1 C2    B DC 11 ? ? N3    B DC 11 ? ? C4    B DC 11 ? ? 123.35 119.90 3.45   0.50 N 
40 1 N3    B DC 11 ? ? C4    B DC 11 ? ? C5    B DC 11 ? ? 118.87 121.90 -3.03  0.40 N 
41 1 "O4'" B DG 12 ? ? "C1'" B DG 12 ? ? N9    B DG 12 ? ? 110.20 108.30 1.90   0.30 N 
42 1 "C3'" B DG 12 ? ? "O3'" B DG 12 ? ? P     B DA 13 ? ? 132.00 119.70 12.30  1.20 Y 
43 1 "O4'" B DA 13 ? ? "C1'" B DA 13 ? ? N9    B DA 13 ? ? 102.57 108.00 -5.43  0.70 N 
44 1 C6    B DA 13 ? ? N1    B DA 13 ? ? C2    B DA 13 ? ? 123.86 118.60 5.26   0.60 N 
45 1 N1    B DA 13 ? ? C2    B DA 13 ? ? N3    B DA 13 ? ? 126.12 129.30 -3.18  0.50 N 
46 1 C5    B DA 13 ? ? C6    B DA 13 ? ? N1    B DA 13 ? ? 113.84 117.70 -3.86  0.50 N 
47 1 "O5'" B DT 14 ? ? "C5'" B DT 14 ? ? "C4'" B DT 14 ? ? 102.35 109.40 -7.05  0.80 N 
48 1 "O4'" B DT 14 ? ? "C1'" B DT 14 ? ? N1    B DT 14 ? ? 103.62 108.00 -4.38  0.70 N 
49 1 N1    B DT 14 ? ? C2    B DT 14 ? ? N3    B DT 14 ? ? 118.59 114.60 3.99   0.60 N 
50 1 C2    B DT 14 ? ? N3    B DT 14 ? ? C4    B DT 14 ? ? 121.36 127.20 -5.84  0.60 N 
51 1 N3    B DT 14 ? ? C4    B DT 14 ? ? C5    B DT 14 ? ? 119.71 115.20 4.51   0.60 N 
52 1 "O5'" B DT 15 ? ? "C5'" B DT 15 ? ? "C4'" B DT 15 ? ? 103.71 109.40 -5.69  0.80 N 
53 1 "O4'" B DT 15 ? ? "C1'" B DT 15 ? ? N1    B DT 15 ? ? 102.36 108.00 -5.64  0.70 N 
54 1 N1    B DT 15 ? ? C2    B DT 15 ? ? N3    B DT 15 ? ? 118.23 114.60 3.63   0.60 N 
55 1 C2    B DT 15 ? ? N3    B DT 15 ? ? C4    B DT 15 ? ? 120.95 127.20 -6.25  0.60 N 
56 1 N3    B DT 15 ? ? C4    B DT 15 ? ? C5    B DT 15 ? ? 120.02 115.20 4.82   0.60 N 
57 1 C4    B DT 15 ? ? C5    B DT 15 ? ? C7    B DT 15 ? ? 122.78 119.00 3.78   0.60 N 
58 1 C6    B DT 15 ? ? C5    B DT 15 ? ? C7    B DT 15 ? ? 119.06 122.90 -3.84  0.60 N 
59 1 "O4'" B DA 16 ? ? "C1'" B DA 16 ? ? N9    B DA 16 ? ? 110.22 108.30 1.92   0.30 N 
60 1 N1    B DA 16 ? ? C6    B DA 16 ? ? N6    B DA 16 ? ? 124.39 118.60 5.79   0.60 N 
61 1 "C3'" B DA 16 ? ? "O3'" B DA 16 ? ? P     B DA 17 ? ? 128.04 119.70 8.34   1.20 Y 
62 1 C6    B DA 17 ? ? N1    B DA 17 ? ? C2    B DA 17 ? ? 124.07 118.60 5.47   0.60 N 
63 1 N1    B DA 17 ? ? C2    B DA 17 ? ? N3    B DA 17 ? ? 124.02 129.30 -5.28  0.50 N 
64 1 "C3'" B DA 17 ? ? "O3'" B DA 17 ? ? P     B DT 18 ? ? 111.23 119.70 -8.47  1.20 Y 
65 1 "O3'" B DA 17 ? ? P     B DT 18 ? ? OP2   B DT 18 ? ? 119.05 110.50 8.55   1.10 Y 
66 1 "O5'" B DT 18 ? ? "C5'" B DT 18 ? ? "C4'" B DT 18 ? ? 103.27 109.40 -6.13  0.80 N 
67 1 P     B DT 18 ? ? "O5'" B DT 18 ? ? "C5'" B DT 18 ? ? 108.51 120.90 -12.39 1.60 N 
68 1 N1    B DT 18 ? ? C2    B DT 18 ? ? N3    B DT 18 ? ? 118.59 114.60 3.99   0.60 N 
69 1 C2    B DT 18 ? ? N3    B DT 18 ? ? C4    B DT 18 ? ? 120.41 127.20 -6.79  0.60 N 
70 1 N3    B DT 18 ? ? C4    B DT 18 ? ? C5    B DT 18 ? ? 119.43 115.20 4.23   0.60 N 
71 1 N3    B DT 18 ? ? C4    B DT 18 ? ? O4    B DT 18 ? ? 115.62 119.90 -4.28  0.60 N 
72 1 "O5'" B DC 19 ? ? "C5'" B DC 19 ? ? "C4'" B DC 19 ? ? 101.79 109.40 -7.61  0.80 N 
73 1 P     B DC 19 ? ? "O5'" B DC 19 ? ? "C5'" B DC 19 ? ? 106.61 120.90 -14.29 1.60 N 
74 1 "O4'" B DC 19 ? ? "C1'" B DC 19 ? ? N1    B DC 19 ? ? 102.15 108.00 -5.85  0.70 N 
75 1 C2    B DC 19 ? ? N3    B DC 19 ? ? C4    B DC 19 ? ? 123.19 119.90 3.29   0.50 N 
76 1 N1    B DC 19 ? ? C2    B DC 19 ? ? O2    B DC 19 ? ? 122.91 118.90 4.01   0.60 N 
# 
loop_
_refine_B_iso.class 
_refine_B_iso.details 
_refine_B_iso.treatment 
_refine_B_iso.pdbx_refine_id 
'ALL ATOMS'  TR isotropic 'X-RAY DIFFRACTION' 
'ALL WATERS' TR isotropic 'X-RAY DIFFRACTION' 
# 
loop_
_refine_occupancy.class 
_refine_occupancy.treatment 
_refine_occupancy.pdbx_refine_id 
'ALL ATOMS'  fix 'X-RAY DIFFRACTION' 
'ALL WATERS' fix 'X-RAY DIFFRACTION' 
# 
loop_
_chem_comp_atom.comp_id 
_chem_comp_atom.atom_id 
_chem_comp_atom.type_symbol 
_chem_comp_atom.pdbx_aromatic_flag 
_chem_comp_atom.pdbx_stereo_config 
_chem_comp_atom.pdbx_ordinal 
DA  OP3    O  N N 1   
DA  P      P  N N 2   
DA  OP1    O  N N 3   
DA  OP2    O  N N 4   
DA  "O5'"  O  N N 5   
DA  "C5'"  C  N N 6   
DA  "C4'"  C  N R 7   
DA  "O4'"  O  N N 8   
DA  "C3'"  C  N S 9   
DA  "O3'"  O  N N 10  
DA  "C2'"  C  N N 11  
DA  "C1'"  C  N R 12  
DA  N9     N  Y N 13  
DA  C8     C  Y N 14  
DA  N7     N  Y N 15  
DA  C5     C  Y N 16  
DA  C6     C  Y N 17  
DA  N6     N  N N 18  
DA  N1     N  Y N 19  
DA  C2     C  Y N 20  
DA  N3     N  Y N 21  
DA  C4     C  Y N 22  
DA  HOP3   H  N N 23  
DA  HOP2   H  N N 24  
DA  "H5'"  H  N N 25  
DA  "H5''" H  N N 26  
DA  "H4'"  H  N N 27  
DA  "H3'"  H  N N 28  
DA  "HO3'" H  N N 29  
DA  "H2'"  H  N N 30  
DA  "H2''" H  N N 31  
DA  "H1'"  H  N N 32  
DA  H8     H  N N 33  
DA  H61    H  N N 34  
DA  H62    H  N N 35  
DA  H2     H  N N 36  
DC  OP3    O  N N 37  
DC  P      P  N N 38  
DC  OP1    O  N N 39  
DC  OP2    O  N N 40  
DC  "O5'"  O  N N 41  
DC  "C5'"  C  N N 42  
DC  "C4'"  C  N R 43  
DC  "O4'"  O  N N 44  
DC  "C3'"  C  N S 45  
DC  "O3'"  O  N N 46  
DC  "C2'"  C  N N 47  
DC  "C1'"  C  N R 48  
DC  N1     N  N N 49  
DC  C2     C  N N 50  
DC  O2     O  N N 51  
DC  N3     N  N N 52  
DC  C4     C  N N 53  
DC  N4     N  N N 54  
DC  C5     C  N N 55  
DC  C6     C  N N 56  
DC  HOP3   H  N N 57  
DC  HOP2   H  N N 58  
DC  "H5'"  H  N N 59  
DC  "H5''" H  N N 60  
DC  "H4'"  H  N N 61  
DC  "H3'"  H  N N 62  
DC  "HO3'" H  N N 63  
DC  "H2'"  H  N N 64  
DC  "H2''" H  N N 65  
DC  "H1'"  H  N N 66  
DC  H41    H  N N 67  
DC  H42    H  N N 68  
DC  H5     H  N N 69  
DC  H6     H  N N 70  
DG  OP3    O  N N 71  
DG  P      P  N N 72  
DG  OP1    O  N N 73  
DG  OP2    O  N N 74  
DG  "O5'"  O  N N 75  
DG  "C5'"  C  N N 76  
DG  "C4'"  C  N R 77  
DG  "O4'"  O  N N 78  
DG  "C3'"  C  N S 79  
DG  "O3'"  O  N N 80  
DG  "C2'"  C  N N 81  
DG  "C1'"  C  N R 82  
DG  N9     N  Y N 83  
DG  C8     C  Y N 84  
DG  N7     N  Y N 85  
DG  C5     C  Y N 86  
DG  C6     C  N N 87  
DG  O6     O  N N 88  
DG  N1     N  N N 89  
DG  C2     C  N N 90  
DG  N2     N  N N 91  
DG  N3     N  N N 92  
DG  C4     C  Y N 93  
DG  HOP3   H  N N 94  
DG  HOP2   H  N N 95  
DG  "H5'"  H  N N 96  
DG  "H5''" H  N N 97  
DG  "H4'"  H  N N 98  
DG  "H3'"  H  N N 99  
DG  "HO3'" H  N N 100 
DG  "H2'"  H  N N 101 
DG  "H2''" H  N N 102 
DG  "H1'"  H  N N 103 
DG  H8     H  N N 104 
DG  H1     H  N N 105 
DG  H21    H  N N 106 
DG  H22    H  N N 107 
DT  OP3    O  N N 108 
DT  P      P  N N 109 
DT  OP1    O  N N 110 
DT  OP2    O  N N 111 
DT  "O5'"  O  N N 112 
DT  "C5'"  C  N N 113 
DT  "C4'"  C  N R 114 
DT  "O4'"  O  N N 115 
DT  "C3'"  C  N S 116 
DT  "O3'"  O  N N 117 
DT  "C2'"  C  N N 118 
DT  "C1'"  C  N R 119 
DT  N1     N  N N 120 
DT  C2     C  N N 121 
DT  O2     O  N N 122 
DT  N3     N  N N 123 
DT  C4     C  N N 124 
DT  O4     O  N N 125 
DT  C5     C  N N 126 
DT  C7     C  N N 127 
DT  C6     C  N N 128 
DT  HOP3   H  N N 129 
DT  HOP2   H  N N 130 
DT  "H5'"  H  N N 131 
DT  "H5''" H  N N 132 
DT  "H4'"  H  N N 133 
DT  "H3'"  H  N N 134 
DT  "HO3'" H  N N 135 
DT  "H2'"  H  N N 136 
DT  "H2''" H  N N 137 
DT  "H1'"  H  N N 138 
DT  H3     H  N N 139 
DT  H71    H  N N 140 
DT  H72    H  N N 141 
DT  H73    H  N N 142 
DT  H6     H  N N 143 
HOH O      O  N N 144 
HOH H1     H  N N 145 
HOH H2     H  N N 146 
MG  MG     MG N N 147 
# 
loop_
_chem_comp_bond.comp_id 
_chem_comp_bond.atom_id_1 
_chem_comp_bond.atom_id_2 
_chem_comp_bond.value_order 
_chem_comp_bond.pdbx_aromatic_flag 
_chem_comp_bond.pdbx_stereo_config 
_chem_comp_bond.pdbx_ordinal 
DA  OP3   P      sing N N 1   
DA  OP3   HOP3   sing N N 2   
DA  P     OP1    doub N N 3   
DA  P     OP2    sing N N 4   
DA  P     "O5'"  sing N N 5   
DA  OP2   HOP2   sing N N 6   
DA  "O5'" "C5'"  sing N N 7   
DA  "C5'" "C4'"  sing N N 8   
DA  "C5'" "H5'"  sing N N 9   
DA  "C5'" "H5''" sing N N 10  
DA  "C4'" "O4'"  sing N N 11  
DA  "C4'" "C3'"  sing N N 12  
DA  "C4'" "H4'"  sing N N 13  
DA  "O4'" "C1'"  sing N N 14  
DA  "C3'" "O3'"  sing N N 15  
DA  "C3'" "C2'"  sing N N 16  
DA  "C3'" "H3'"  sing N N 17  
DA  "O3'" "HO3'" sing N N 18  
DA  "C2'" "C1'"  sing N N 19  
DA  "C2'" "H2'"  sing N N 20  
DA  "C2'" "H2''" sing N N 21  
DA  "C1'" N9     sing N N 22  
DA  "C1'" "H1'"  sing N N 23  
DA  N9    C8     sing Y N 24  
DA  N9    C4     sing Y N 25  
DA  C8    N7     doub Y N 26  
DA  C8    H8     sing N N 27  
DA  N7    C5     sing Y N 28  
DA  C5    C6     sing Y N 29  
DA  C5    C4     doub Y N 30  
DA  C6    N6     sing N N 31  
DA  C6    N1     doub Y N 32  
DA  N6    H61    sing N N 33  
DA  N6    H62    sing N N 34  
DA  N1    C2     sing Y N 35  
DA  C2    N3     doub Y N 36  
DA  C2    H2     sing N N 37  
DA  N3    C4     sing Y N 38  
DC  OP3   P      sing N N 39  
DC  OP3   HOP3   sing N N 40  
DC  P     OP1    doub N N 41  
DC  P     OP2    sing N N 42  
DC  P     "O5'"  sing N N 43  
DC  OP2   HOP2   sing N N 44  
DC  "O5'" "C5'"  sing N N 45  
DC  "C5'" "C4'"  sing N N 46  
DC  "C5'" "H5'"  sing N N 47  
DC  "C5'" "H5''" sing N N 48  
DC  "C4'" "O4'"  sing N N 49  
DC  "C4'" "C3'"  sing N N 50  
DC  "C4'" "H4'"  sing N N 51  
DC  "O4'" "C1'"  sing N N 52  
DC  "C3'" "O3'"  sing N N 53  
DC  "C3'" "C2'"  sing N N 54  
DC  "C3'" "H3'"  sing N N 55  
DC  "O3'" "HO3'" sing N N 56  
DC  "C2'" "C1'"  sing N N 57  
DC  "C2'" "H2'"  sing N N 58  
DC  "C2'" "H2''" sing N N 59  
DC  "C1'" N1     sing N N 60  
DC  "C1'" "H1'"  sing N N 61  
DC  N1    C2     sing N N 62  
DC  N1    C6     sing N N 63  
DC  C2    O2     doub N N 64  
DC  C2    N3     sing N N 65  
DC  N3    C4     doub N N 66  
DC  C4    N4     sing N N 67  
DC  C4    C5     sing N N 68  
DC  N4    H41    sing N N 69  
DC  N4    H42    sing N N 70  
DC  C5    C6     doub N N 71  
DC  C5    H5     sing N N 72  
DC  C6    H6     sing N N 73  
DG  OP3   P      sing N N 74  
DG  OP3   HOP3   sing N N 75  
DG  P     OP1    doub N N 76  
DG  P     OP2    sing N N 77  
DG  P     "O5'"  sing N N 78  
DG  OP2   HOP2   sing N N 79  
DG  "O5'" "C5'"  sing N N 80  
DG  "C5'" "C4'"  sing N N 81  
DG  "C5'" "H5'"  sing N N 82  
DG  "C5'" "H5''" sing N N 83  
DG  "C4'" "O4'"  sing N N 84  
DG  "C4'" "C3'"  sing N N 85  
DG  "C4'" "H4'"  sing N N 86  
DG  "O4'" "C1'"  sing N N 87  
DG  "C3'" "O3'"  sing N N 88  
DG  "C3'" "C2'"  sing N N 89  
DG  "C3'" "H3'"  sing N N 90  
DG  "O3'" "HO3'" sing N N 91  
DG  "C2'" "C1'"  sing N N 92  
DG  "C2'" "H2'"  sing N N 93  
DG  "C2'" "H2''" sing N N 94  
DG  "C1'" N9     sing N N 95  
DG  "C1'" "H1'"  sing N N 96  
DG  N9    C8     sing Y N 97  
DG  N9    C4     sing Y N 98  
DG  C8    N7     doub Y N 99  
DG  C8    H8     sing N N 100 
DG  N7    C5     sing Y N 101 
DG  C5    C6     sing N N 102 
DG  C5    C4     doub Y N 103 
DG  C6    O6     doub N N 104 
DG  C6    N1     sing N N 105 
DG  N1    C2     sing N N 106 
DG  N1    H1     sing N N 107 
DG  C2    N2     sing N N 108 
DG  C2    N3     doub N N 109 
DG  N2    H21    sing N N 110 
DG  N2    H22    sing N N 111 
DG  N3    C4     sing N N 112 
DT  OP3   P      sing N N 113 
DT  OP3   HOP3   sing N N 114 
DT  P     OP1    doub N N 115 
DT  P     OP2    sing N N 116 
DT  P     "O5'"  sing N N 117 
DT  OP2   HOP2   sing N N 118 
DT  "O5'" "C5'"  sing N N 119 
DT  "C5'" "C4'"  sing N N 120 
DT  "C5'" "H5'"  sing N N 121 
DT  "C5'" "H5''" sing N N 122 
DT  "C4'" "O4'"  sing N N 123 
DT  "C4'" "C3'"  sing N N 124 
DT  "C4'" "H4'"  sing N N 125 
DT  "O4'" "C1'"  sing N N 126 
DT  "C3'" "O3'"  sing N N 127 
DT  "C3'" "C2'"  sing N N 128 
DT  "C3'" "H3'"  sing N N 129 
DT  "O3'" "HO3'" sing N N 130 
DT  "C2'" "C1'"  sing N N 131 
DT  "C2'" "H2'"  sing N N 132 
DT  "C2'" "H2''" sing N N 133 
DT  "C1'" N1     sing N N 134 
DT  "C1'" "H1'"  sing N N 135 
DT  N1    C2     sing N N 136 
DT  N1    C6     sing N N 137 
DT  C2    O2     doub N N 138 
DT  C2    N3     sing N N 139 
DT  N3    C4     sing N N 140 
DT  N3    H3     sing N N 141 
DT  C4    O4     doub N N 142 
DT  C4    C5     sing N N 143 
DT  C5    C7     sing N N 144 
DT  C5    C6     doub N N 145 
DT  C7    H71    sing N N 146 
DT  C7    H72    sing N N 147 
DT  C7    H73    sing N N 148 
DT  C6    H6     sing N N 149 
HOH O     H1     sing N N 150 
HOH O     H2     sing N N 151 
# 
loop_
_ndb_struct_conf_na.entry_id 
_ndb_struct_conf_na.feature 
1D49 'double helix'        
1D49 'b-form double helix' 
# 
loop_
_ndb_struct_na_base_pair.model_number 
_ndb_struct_na_base_pair.i_label_asym_id 
_ndb_struct_na_base_pair.i_label_comp_id 
_ndb_struct_na_base_pair.i_label_seq_id 
_ndb_struct_na_base_pair.i_symmetry 
_ndb_struct_na_base_pair.j_label_asym_id 
_ndb_struct_na_base_pair.j_label_comp_id 
_ndb_struct_na_base_pair.j_label_seq_id 
_ndb_struct_na_base_pair.j_symmetry 
_ndb_struct_na_base_pair.shear 
_ndb_struct_na_base_pair.stretch 
_ndb_struct_na_base_pair.stagger 
_ndb_struct_na_base_pair.buckle 
_ndb_struct_na_base_pair.propeller 
_ndb_struct_na_base_pair.opening 
_ndb_struct_na_base_pair.pair_number 
_ndb_struct_na_base_pair.pair_name 
_ndb_struct_na_base_pair.i_auth_asym_id 
_ndb_struct_na_base_pair.i_auth_seq_id 
_ndb_struct_na_base_pair.i_PDB_ins_code 
_ndb_struct_na_base_pair.j_auth_asym_id 
_ndb_struct_na_base_pair.j_auth_seq_id 
_ndb_struct_na_base_pair.j_PDB_ins_code 
_ndb_struct_na_base_pair.hbond_type_28 
_ndb_struct_na_base_pair.hbond_type_12 
1 A DC 1  1_555 B DG 10 1_555 -0.204 -0.345 0.073  5.081  -1.734  -3.331 1  A_DC1:DG20_B  A 1  ? B 20 ? 19 1 
1 A DG 2  1_555 B DC 9  1_555 0.012  -0.242 0.582  14.271 -13.390 -3.757 2  A_DG2:DC19_B  A 2  ? B 19 ? 19 1 
1 A DA 3  1_555 B DT 8  1_555 0.156  -0.188 0.055  0.922  -12.056 -1.353 3  A_DA3:DT18_B  A 3  ? B 18 ? 20 1 
1 A DT 4  1_555 B DA 7  1_555 -0.098 -0.272 0.311  2.552  -20.029 2.690  4  A_DT4:DA17_B  A 4  ? B 17 ? 20 1 
1 A DT 5  1_555 B DA 6  1_555 -0.477 -0.187 0.141  -1.356 -11.732 6.560  5  A_DT5:DA16_B  A 5  ? B 16 ? 20 1 
1 A DA 6  1_555 B DT 5  1_555 0.267  -0.078 -0.008 9.011  -10.700 5.662  6  A_DA6:DT15_B  A 6  ? B 15 ? 20 1 
1 A DA 7  1_555 B DT 4  1_555 0.217  -0.030 0.032  -0.864 -14.327 -1.121 7  A_DA7:DT14_B  A 7  ? B 14 ? 20 1 
1 A DT 8  1_555 B DA 3  1_555 -0.089 -0.009 0.018  1.431  -14.614 6.352  8  A_DT8:DA13_B  A 8  ? B 13 ? 20 1 
1 A DC 9  1_555 B DG 2  1_555 0.172  -0.233 0.146  -6.072 -17.053 -1.879 9  A_DC9:DG12_B  A 9  ? B 12 ? 19 1 
1 A DG 10 1_555 B DC 1  1_555 0.251  -0.125 0.253  1.897  2.745   -1.155 10 A_DG10:DC11_B A 10 ? B 11 ? 19 1 
# 
loop_
_ndb_struct_na_base_pair_step.model_number 
_ndb_struct_na_base_pair_step.i_label_asym_id_1 
_ndb_struct_na_base_pair_step.i_label_comp_id_1 
_ndb_struct_na_base_pair_step.i_label_seq_id_1 
_ndb_struct_na_base_pair_step.i_symmetry_1 
_ndb_struct_na_base_pair_step.j_label_asym_id_1 
_ndb_struct_na_base_pair_step.j_label_comp_id_1 
_ndb_struct_na_base_pair_step.j_label_seq_id_1 
_ndb_struct_na_base_pair_step.j_symmetry_1 
_ndb_struct_na_base_pair_step.i_label_asym_id_2 
_ndb_struct_na_base_pair_step.i_label_comp_id_2 
_ndb_struct_na_base_pair_step.i_label_seq_id_2 
_ndb_struct_na_base_pair_step.i_symmetry_2 
_ndb_struct_na_base_pair_step.j_label_asym_id_2 
_ndb_struct_na_base_pair_step.j_label_comp_id_2 
_ndb_struct_na_base_pair_step.j_label_seq_id_2 
_ndb_struct_na_base_pair_step.j_symmetry_2 
_ndb_struct_na_base_pair_step.shift 
_ndb_struct_na_base_pair_step.slide 
_ndb_struct_na_base_pair_step.rise 
_ndb_struct_na_base_pair_step.tilt 
_ndb_struct_na_base_pair_step.roll 
_ndb_struct_na_base_pair_step.twist 
_ndb_struct_na_base_pair_step.x_displacement 
_ndb_struct_na_base_pair_step.y_displacement 
_ndb_struct_na_base_pair_step.helical_rise 
_ndb_struct_na_base_pair_step.inclination 
_ndb_struct_na_base_pair_step.tip 
_ndb_struct_na_base_pair_step.helical_twist 
_ndb_struct_na_base_pair_step.step_number 
_ndb_struct_na_base_pair_step.step_name 
_ndb_struct_na_base_pair_step.i_auth_asym_id_1 
_ndb_struct_na_base_pair_step.i_auth_seq_id_1 
_ndb_struct_na_base_pair_step.i_PDB_ins_code_1 
_ndb_struct_na_base_pair_step.j_auth_asym_id_1 
_ndb_struct_na_base_pair_step.j_auth_seq_id_1 
_ndb_struct_na_base_pair_step.j_PDB_ins_code_1 
_ndb_struct_na_base_pair_step.i_auth_asym_id_2 
_ndb_struct_na_base_pair_step.i_auth_seq_id_2 
_ndb_struct_na_base_pair_step.i_PDB_ins_code_2 
_ndb_struct_na_base_pair_step.j_auth_asym_id_2 
_ndb_struct_na_base_pair_step.j_auth_seq_id_2 
_ndb_struct_na_base_pair_step.j_PDB_ins_code_2 
1 A DC 1 1_555 B DG 10 1_555 A DG 2  1_555 B DC 9 1_555 -0.288 0.850  3.224 -2.338 -3.786 39.994 1.654  0.160  3.145 -5.514 3.405  
40.231 1 AA_DC1DG2:DC19DG20_BB  A 1 ? B 20 ? A 2  ? B 19 ? 
1 A DG 2 1_555 B DC 9  1_555 A DA 3  1_555 B DT 8 1_555 0.304  -0.484 3.542 3.512  -0.401 41.815 -0.631 -0.027 3.559 -0.561 -4.910 
41.958 2 AA_DG2DA3:DT18DC19_BB  A 2 ? B 19 ? A 3  ? B 18 ? 
1 A DA 3 1_555 B DT 8  1_555 A DT 4  1_555 B DA 7 1_555 0.373  -0.714 3.213 -3.344 0.973  34.017 -1.364 -1.148 3.142 1.657  5.697  
34.190 3 AA_DA3DT4:DA17DT18_BB  A 3 ? B 18 ? A 4  ? B 17 ? 
1 A DT 4 1_555 B DA 7  1_555 A DT 5  1_555 B DA 6 1_555 0.163  -0.225 3.279 2.124  -3.931 35.174 0.212  0.046  3.288 -6.473 -3.498 
35.447 4 AA_DT4DT5:DA16DA17_BB  A 4 ? B 17 ? A 5  ? B 16 ? 
1 A DT 5 1_555 B DA 6  1_555 A DA 6  1_555 B DT 5 1_555 -0.039 0.799  3.100 2.092  7.758  34.205 0.193  0.370  3.192 12.969 -3.498 
35.109 5 AA_DT5DA6:DT15DA16_BB  A 5 ? B 16 ? A 6  ? B 15 ? 
1 A DA 6 1_555 B DT 5  1_555 A DA 7  1_555 B DT 4 1_555 -0.783 0.496  3.487 -3.857 -4.017 38.186 1.282  0.676  3.479 -6.100 5.857  
38.575 6 AA_DA6DA7:DT14DT15_BB  A 6 ? B 15 ? A 7  ? B 14 ? 
1 A DA 7 1_555 B DT 4  1_555 A DT 8  1_555 B DA 3 1_555 0.322  -0.448 3.198 2.250  -3.226 33.973 -0.259 -0.197 3.240 -5.497 -3.835 
34.193 7 AA_DA7DT8:DA13DT14_BB  A 7 ? B 14 ? A 8  ? B 13 ? 
1 A DT 8 1_555 B DA 3  1_555 A DC 9  1_555 B DG 2 1_555 -0.110 0.087  3.427 -0.263 -0.844 42.020 0.212  0.125  3.425 -1.177 0.367  
42.029 8 AA_DT8DC9:DG12DA13_BB  A 8 ? B 13 ? A 9  ? B 12 ? 
1 A DC 9 1_555 B DG 2  1_555 A DG 10 1_555 B DC 1 1_555 0.858  0.960  3.248 0.003  -1.337 37.543 1.663  -1.331 3.214 -2.077 -0.004 
37.566 9 AA_DC9DG10:DC11DG12_BB A 9 ? B 12 ? A 10 ? B 11 ? 
# 
_atom_sites.entry_id                    1D49 
_atom_sites.fract_transf_matrix[1][1]   -0.01620920 
_atom_sites.fract_transf_matrix[1][2]   0.01992239 
_atom_sites.fract_transf_matrix[1][3]   -0.00339596 
_atom_sites.fract_transf_matrix[2][1]   -0.00618249 
_atom_sites.fract_transf_matrix[2][2]   -0.00085914 
_atom_sites.fract_transf_matrix[2][3]   0.02446942 
_atom_sites.fract_transf_matrix[3][1]   0.02239729 
_atom_sites.fract_transf_matrix[3][2]   0.01930297 
_atom_sites.fract_transf_matrix[3][3]   0.00633668 
_atom_sites.fract_transf_vector[1]      0.261329 
_atom_sites.fract_transf_vector[2]      0.240796 
_atom_sites.fract_transf_vector[3]      0.178085 
# 
loop_
_atom_type.symbol 
C  
MG 
N  
O  
P  
# 
loop_
_atom_site.group_PDB 
_atom_site.id 
_atom_site.type_symbol 
_atom_site.label_atom_id 
_atom_site.label_alt_id 
_atom_site.label_comp_id 
_atom_site.label_asym_id 
_atom_site.label_entity_id 
_atom_site.label_seq_id 
_atom_site.pdbx_PDB_ins_code 
_atom_site.Cartn_x 
_atom_site.Cartn_y 
_atom_site.Cartn_z 
_atom_site.occupancy 
_atom_site.B_iso_or_equiv 
_atom_site.pdbx_formal_charge 
_atom_site.auth_seq_id 
_atom_site.auth_comp_id 
_atom_site.auth_asym_id 
_atom_site.auth_atom_id 
_atom_site.pdbx_PDB_model_num 
ATOM   1   O  "O5'" . DC  A 1 1  ? -11.673 -15.526 3.923   1.00 40.19 ? 1   DC  A "O5'" 1 
ATOM   2   C  "C5'" . DC  A 1 1  ? -11.209 -14.208 4.345   1.00 41.07 ? 1   DC  A "C5'" 1 
ATOM   3   C  "C4'" . DC  A 1 1  ? -10.066 -13.843 3.420   1.00 29.67 ? 1   DC  A "C4'" 1 
ATOM   4   O  "O4'" . DC  A 1 1  ? -10.590 -13.191 2.261   1.00 25.33 ? 1   DC  A "O4'" 1 
ATOM   5   C  "C3'" . DC  A 1 1  ? -9.007  -12.911 4.003   1.00 18.65 ? 1   DC  A "C3'" 1 
ATOM   6   O  "O3'" . DC  A 1 1  ? -7.697  -13.340 3.661   1.00 13.58 ? 1   DC  A "O3'" 1 
ATOM   7   C  "C2'" . DC  A 1 1  ? -9.359  -11.556 3.361   1.00 18.44 ? 1   DC  A "C2'" 1 
ATOM   8   C  "C1'" . DC  A 1 1  ? -9.743  -12.061 1.962   1.00 7.97  ? 1   DC  A "C1'" 1 
ATOM   9   N  N1    . DC  A 1 1  ? -10.443 -11.071 1.187   1.00 8.23  ? 1   DC  A N1    1 
ATOM   10  C  C2    . DC  A 1 1  ? -10.214 -11.057 -0.204  1.00 7.57  ? 1   DC  A C2    1 
ATOM   11  O  O2    . DC  A 1 1  ? -9.465  -11.894 -0.681  1.00 9.95  ? 1   DC  A O2    1 
ATOM   12  N  N3    . DC  A 1 1  ? -10.863 -10.129 -0.941  1.00 12.59 ? 1   DC  A N3    1 
ATOM   13  C  C4    . DC  A 1 1  ? -11.695 -9.207  -0.400  1.00 10.02 ? 1   DC  A C4    1 
ATOM   14  N  N4    . DC  A 1 1  ? -12.293 -8.331  -1.174  1.00 14.70 ? 1   DC  A N4    1 
ATOM   15  C  C5    . DC  A 1 1  ? -11.921 -9.210  1.024   1.00 14.36 ? 1   DC  A C5    1 
ATOM   16  C  C6    . DC  A 1 1  ? -11.296 -10.135 1.742   1.00 14.92 ? 1   DC  A C6    1 
ATOM   17  P  P     . DG  A 1 2  ? -6.365  -13.434 4.495   1.00 14.74 ? 2   DG  A P     1 
ATOM   18  O  OP1   . DG  A 1 2  ? -6.547  -14.553 5.455   1.00 16.21 ? 2   DG  A OP1   1 
ATOM   19  O  OP2   . DG  A 1 2  ? -6.089  -12.150 5.231   1.00 16.20 ? 2   DG  A OP2   1 
ATOM   20  O  "O5'" . DG  A 1 2  ? -5.150  -13.694 3.473   1.00 19.49 ? 2   DG  A "O5'" 1 
ATOM   21  C  "C5'" . DG  A 1 2  ? -5.253  -14.912 2.622   1.00 5.14  ? 2   DG  A "C5'" 1 
ATOM   22  C  "C4'" . DG  A 1 2  ? -4.738  -14.515 1.281   1.00 2.59  ? 2   DG  A "C4'" 1 
ATOM   23  O  "O4'" . DG  A 1 2  ? -5.578  -13.602 0.604   1.00 11.81 ? 2   DG  A "O4'" 1 
ATOM   24  C  "C3'" . DG  A 1 2  ? -3.330  -13.801 1.342   1.00 6.73  ? 2   DG  A "C3'" 1 
ATOM   25  O  "O3'" . DG  A 1 2  ? -2.589  -14.222 0.224   1.00 7.31  ? 2   DG  A "O3'" 1 
ATOM   26  C  "C2'" . DG  A 1 2  ? -3.766  -12.370 1.395   1.00 2.55  ? 2   DG  A "C2'" 1 
ATOM   27  C  "C1'" . DG  A 1 2  ? -4.873  -12.373 0.361   1.00 13.93 ? 2   DG  A "C1'" 1 
ATOM   28  N  N9    . DG  A 1 2  ? -5.734  -11.214 0.552   1.00 1.60  ? 2   DG  A N9    1 
ATOM   29  C  C8    . DG  A 1 2  ? -6.150  -10.649 1.753   1.00 4.37  ? 2   DG  A C8    1 
ATOM   30  N  N7    . DG  A 1 2  ? -6.888  -9.588  1.604   1.00 2.00  ? 2   DG  A N7    1 
ATOM   31  C  C5    . DG  A 1 2  ? -6.974  -9.447  0.199   1.00 3.66  ? 2   DG  A C5    1 
ATOM   32  C  C6    . DG  A 1 2  ? -7.667  -8.490  -0.568  1.00 5.85  ? 2   DG  A C6    1 
ATOM   33  O  O6    . DG  A 1 2  ? -8.383  -7.565  -0.146  1.00 17.39 ? 2   DG  A O6    1 
ATOM   34  N  N1    . DG  A 1 2  ? -7.531  -8.659  -1.919  1.00 7.39  ? 2   DG  A N1    1 
ATOM   35  C  C2    . DG  A 1 2  ? -6.772  -9.663  -2.445  1.00 12.01 ? 2   DG  A C2    1 
ATOM   36  N  N2    . DG  A 1 2  ? -6.718  -9.662  -3.790  1.00 11.77 ? 2   DG  A N2    1 
ATOM   37  N  N3    . DG  A 1 2  ? -6.113  -10.630 -1.780  1.00 4.89  ? 2   DG  A N3    1 
ATOM   38  C  C4    . DG  A 1 2  ? -6.271  -10.423 -0.432  1.00 3.94  ? 2   DG  A C4    1 
ATOM   39  P  P     . DA  A 1 3  ? -1.157  -13.887 -0.319  1.00 6.91  ? 3   DA  A P     1 
ATOM   40  O  OP1   . DA  A 1 3  ? -0.668  -15.223 -0.803  1.00 9.24  ? 3   DA  A OP1   1 
ATOM   41  O  OP2   . DA  A 1 3  ? -0.442  -13.098 0.810   1.00 1.77  ? 3   DA  A OP2   1 
ATOM   42  O  "O5'" . DA  A 1 3  ? -1.258  -12.956 -1.615  1.00 9.43  ? 3   DA  A "O5'" 1 
ATOM   43  C  "C5'" . DA  A 1 3  ? -2.095  -13.229 -2.699  1.00 0.44  ? 3   DA  A "C5'" 1 
ATOM   44  C  "C4'" . DA  A 1 3  ? -2.035  -12.077 -3.672  1.00 12.74 ? 3   DA  A "C4'" 1 
ATOM   45  O  "O4'" . DA  A 1 3  ? -2.981  -11.102 -3.252  1.00 8.04  ? 3   DA  A "O4'" 1 
ATOM   46  C  "C3'" . DA  A 1 3  ? -0.712  -11.335 -3.842  1.00 7.97  ? 3   DA  A "C3'" 1 
ATOM   47  O  "O3'" . DA  A 1 3  ? -0.434  -11.173 -5.251  1.00 9.35  ? 3   DA  A "O3'" 1 
ATOM   48  C  "C2'" . DA  A 1 3  ? -0.922  -10.019 -3.101  1.00 6.07  ? 3   DA  A "C2'" 1 
ATOM   49  C  "C1'" . DA  A 1 3  ? -2.375  -9.794  -3.207  1.00 5.12  ? 3   DA  A "C1'" 1 
ATOM   50  N  N9    . DA  A 1 3  ? -2.961  -9.073  -2.070  1.00 8.76  ? 3   DA  A N9    1 
ATOM   51  C  C8    . DA  A 1 3  ? -2.855  -9.351  -0.734  1.00 6.85  ? 3   DA  A C8    1 
ATOM   52  N  N7    . DA  A 1 3  ? -3.513  -8.555  0.040   1.00 6.75  ? 3   DA  A N7    1 
ATOM   53  C  C5    . DA  A 1 3  ? -4.148  -7.676  -0.840  1.00 9.03  ? 3   DA  A C5    1 
ATOM   54  C  C6    . DA  A 1 3  ? -5.036  -6.611  -0.632  1.00 1.89  ? 3   DA  A C6    1 
ATOM   55  N  N6    . DA  A 1 3  ? -5.463  -6.155  0.519   1.00 0.70  ? 3   DA  A N6    1 
ATOM   56  N  N1    . DA  A 1 3  ? -5.453  -5.966  -1.780  1.00 6.19  ? 3   DA  A N1    1 
ATOM   57  C  C2    . DA  A 1 3  ? -5.059  -6.387  -3.011  1.00 5.94  ? 3   DA  A C2    1 
ATOM   58  N  N3    . DA  A 1 3  ? -4.257  -7.404  -3.267  1.00 10.26 ? 3   DA  A N3    1 
ATOM   59  C  C4    . DA  A 1 3  ? -3.828  -8.010  -2.151  1.00 9.49  ? 3   DA  A C4    1 
ATOM   60  P  P     . DT  A 1 4  ? 0.803   -10.412 -5.928  1.00 7.31  ? 4   DT  A P     1 
ATOM   61  O  OP1   . DT  A 1 4  ? 0.940   -10.899 -7.318  1.00 11.81 ? 4   DT  A OP1   1 
ATOM   62  O  OP2   . DT  A 1 4  ? 1.952   -10.590 -5.034  1.00 5.19  ? 4   DT  A OP2   1 
ATOM   63  O  "O5'" . DT  A 1 4  ? 0.232   -8.915  -5.963  1.00 8.29  ? 4   DT  A "O5'" 1 
ATOM   64  C  "C5'" . DT  A 1 4  ? -0.813  -8.616  -6.874  1.00 4.56  ? 4   DT  A "C5'" 1 
ATOM   65  C  "C4'" . DT  A 1 4  ? -1.251  -7.177  -6.709  1.00 7.33  ? 4   DT  A "C4'" 1 
ATOM   66  O  "O4'" . DT  A 1 4  ? -1.746  -6.935  -5.396  1.00 8.74  ? 4   DT  A "O4'" 1 
ATOM   67  C  "C3'" . DT  A 1 4  ? -0.154  -6.143  -6.939  1.00 9.15  ? 4   DT  A "C3'" 1 
ATOM   68  O  "O3'" . DT  A 1 4  ? -0.514  -5.371  -8.081  1.00 10.29 ? 4   DT  A "O3'" 1 
ATOM   69  C  "C2'" . DT  A 1 4  ? -0.119  -5.324  -5.659  1.00 9.01  ? 4   DT  A "C2'" 1 
ATOM   70  C  "C1'" . DT  A 1 4  ? -1.467  -5.533  -5.071  1.00 0.59  ? 4   DT  A "C1'" 1 
ATOM   71  N  N1    . DT  A 1 4  ? -1.509  -5.422  -3.601  1.00 5.73  ? 4   DT  A N1    1 
ATOM   72  C  C2    . DT  A 1 4  ? -2.352  -4.519  -3.028  1.00 6.47  ? 4   DT  A C2    1 
ATOM   73  O  O2    . DT  A 1 4  ? -3.000  -3.721  -3.671  1.00 10.44 ? 4   DT  A O2    1 
ATOM   74  N  N3    . DT  A 1 4  ? -2.397  -4.470  -1.645  1.00 1.22  ? 4   DT  A N3    1 
ATOM   75  C  C4    . DT  A 1 4  ? -1.671  -5.309  -0.866  1.00 10.49 ? 4   DT  A C4    1 
ATOM   76  O  O4    . DT  A 1 4  ? -1.780  -5.182  0.395   1.00 6.82  ? 4   DT  A O4    1 
ATOM   77  C  C5    . DT  A 1 4  ? -0.838  -6.273  -1.492  1.00 4.06  ? 4   DT  A C5    1 
ATOM   78  C  C7    . DT  A 1 4  ? -0.006  -7.216  -0.658  1.00 11.24 ? 4   DT  A C7    1 
ATOM   79  C  C6    . DT  A 1 4  ? -0.788  -6.310  -2.829  1.00 14.11 ? 4   DT  A C6    1 
ATOM   80  P  P     . DT  A 1 5  ? 0.609   -4.387  -8.731  1.00 20.31 ? 5   DT  A P     1 
ATOM   81  O  OP1   . DT  A 1 5  ? 0.464   -4.843  -10.128 1.00 16.92 ? 5   DT  A OP1   1 
ATOM   82  O  OP2   . DT  A 1 5  ? 1.954   -4.649  -8.143  1.00 22.26 ? 5   DT  A OP2   1 
ATOM   83  O  "O5'" . DT  A 1 5  ? -0.024  -3.016  -8.210  1.00 6.64  ? 5   DT  A "O5'" 1 
ATOM   84  C  "C5'" . DT  A 1 5  ? -1.471  -2.849  -8.246  1.00 3.84  ? 5   DT  A "C5'" 1 
ATOM   85  C  "C4'" . DT  A 1 5  ? -1.677  -1.516  -7.476  1.00 1.48  ? 5   DT  A "C4'" 1 
ATOM   86  O  "O4'" . DT  A 1 5  ? -1.534  -1.908  -6.106  1.00 11.38 ? 5   DT  A "O4'" 1 
ATOM   87  C  "C3'" . DT  A 1 5  ? -0.712  -0.402  -7.726  1.00 9.64  ? 5   DT  A "C3'" 1 
ATOM   88  O  "O3'" . DT  A 1 5  ? -1.314  0.771   -8.338  1.00 11.22 ? 5   DT  A "O3'" 1 
ATOM   89  C  "C2'" . DT  A 1 5  ? -0.145  -0.067  -6.320  1.00 7.27  ? 5   DT  A "C2'" 1 
ATOM   90  C  "C1'" . DT  A 1 5  ? -1.108  -0.650  -5.386  1.00 8.88  ? 5   DT  A "C1'" 1 
ATOM   91  N  N1    . DT  A 1 5  ? -0.614  -1.191  -4.110  1.00 3.95  ? 5   DT  A N1    1 
ATOM   92  C  C2    . DT  A 1 5  ? -1.160  -0.772  -2.902  1.00 4.76  ? 5   DT  A C2    1 
ATOM   93  O  O2    . DT  A 1 5  ? -2.046  0.086   -2.857  1.00 1.58  ? 5   DT  A O2    1 
ATOM   94  N  N3    . DT  A 1 5  ? -0.687  -1.381  -1.787  1.00 8.86  ? 5   DT  A N3    1 
ATOM   95  C  C4    . DT  A 1 5  ? 0.258   -2.360  -1.816  1.00 9.76  ? 5   DT  A C4    1 
ATOM   96  O  O4    . DT  A 1 5  ? 0.626   -2.907  -0.774  1.00 1.51  ? 5   DT  A O4    1 
ATOM   97  C  C5    . DT  A 1 5  ? 0.814   -2.761  -3.082  1.00 15.89 ? 5   DT  A C5    1 
ATOM   98  C  C7    . DT  A 1 5  ? 1.867   -3.832  -3.144  1.00 18.88 ? 5   DT  A C7    1 
ATOM   99  C  C6    . DT  A 1 5  ? 0.336   -2.169  -4.159  1.00 13.46 ? 5   DT  A C6    1 
ATOM   100 P  P     . DA  A 1 6  ? -0.532  2.003   -9.021  1.00 5.93  ? 6   DA  A P     1 
ATOM   101 O  OP1   . DA  A 1 6  ? -1.425  2.626   -10.032 1.00 5.44  ? 6   DA  A OP1   1 
ATOM   102 O  OP2   . DA  A 1 6  ? 0.842   1.758   -9.417  1.00 5.41  ? 6   DA  A OP2   1 
ATOM   103 O  "O5'" . DA  A 1 6  ? -0.325  2.991   -7.724  1.00 13.02 ? 6   DA  A "O5'" 1 
ATOM   104 C  "C5'" . DA  A 1 6  ? -1.380  3.703   -7.251  1.00 6.29  ? 6   DA  A "C5'" 1 
ATOM   105 C  "C4'" . DA  A 1 6  ? -1.067  4.434   -5.992  1.00 2.84  ? 6   DA  A "C4'" 1 
ATOM   106 O  "O4'" . DA  A 1 6  ? -0.786  3.619   -4.897  1.00 6.98  ? 6   DA  A "O4'" 1 
ATOM   107 C  "C3'" . DA  A 1 6  ? 0.177   5.388   -6.068  1.00 2.39  ? 6   DA  A "C3'" 1 
ATOM   108 O  "O3'" . DA  A 1 6  ? -0.157  6.534   -5.317  1.00 21.21 ? 6   DA  A "O3'" 1 
ATOM   109 C  "C2'" . DA  A 1 6  ? 1.269   4.541   -5.467  1.00 1.28  ? 6   DA  A "C2'" 1 
ATOM   110 C  "C1'" . DA  A 1 6  ? 0.465   3.979   -4.277  1.00 10.73 ? 6   DA  A "C1'" 1 
ATOM   111 N  N9    . DA  A 1 6  ? 1.146   2.846   -3.693  1.00 0.87  ? 6   DA  A N9    1 
ATOM   112 C  C8    . DA  A 1 6  ? 2.020   1.970   -4.347  1.00 7.32  ? 6   DA  A C8    1 
ATOM   113 N  N7    . DA  A 1 6  ? 2.455   1.002   -3.597  1.00 7.49  ? 6   DA  A N7    1 
ATOM   114 C  C5    . DA  A 1 6  ? 1.866   1.218   -2.366  1.00 10.12 ? 6   DA  A C5    1 
ATOM   115 C  C6    . DA  A 1 6  ? 1.938   0.529   -1.137  1.00 4.20  ? 6   DA  A C6    1 
ATOM   116 N  N6    . DA  A 1 6  ? 2.677   -0.533  -0.907  1.00 9.34  ? 6   DA  A N6    1 
ATOM   117 N  N1    . DA  A 1 6  ? 1.177   1.064   -0.140  1.00 10.62 ? 6   DA  A N1    1 
ATOM   118 C  C2    . DA  A 1 6  ? 0.415   2.163   -0.302  1.00 6.50  ? 6   DA  A C2    1 
ATOM   119 N  N3    . DA  A 1 6  ? 0.308   2.878   -1.422  1.00 4.94  ? 6   DA  A N3    1 
ATOM   120 C  C4    . DA  A 1 6  ? 1.059   2.339   -2.422  1.00 0.75  ? 6   DA  A C4    1 
ATOM   121 P  P     . DA  A 1 7  ? 0.247   7.968   -5.871  1.00 12.17 ? 7   DA  A P     1 
ATOM   122 O  OP1   . DA  A 1 7  ? -0.731  8.345   -6.912  1.00 13.71 ? 7   DA  A OP1   1 
ATOM   123 O  OP2   . DA  A 1 7  ? 1.734   7.870   -6.031  1.00 13.17 ? 7   DA  A OP2   1 
ATOM   124 O  "O5'" . DA  A 1 7  ? 0.047   8.808   -4.491  1.00 8.56  ? 7   DA  A "O5'" 1 
ATOM   125 C  "C5'" . DA  A 1 7  ? -1.238  8.640   -3.886  1.00 7.69  ? 7   DA  A "C5'" 1 
ATOM   126 C  "C4'" . DA  A 1 7  ? -1.050  8.706   -2.387  1.00 14.69 ? 7   DA  A "C4'" 1 
ATOM   127 O  "O4'" . DA  A 1 7  ? -0.661  7.440   -1.894  1.00 19.46 ? 7   DA  A "O4'" 1 
ATOM   128 C  "C3'" . DA  A 1 7  ? -0.003  9.721   -1.873  1.00 4.99  ? 7   DA  A "C3'" 1 
ATOM   129 O  "O3'" . DA  A 1 7  ? -0.696  10.623  -0.956  1.00 22.98 ? 7   DA  A "O3'" 1 
ATOM   130 C  "C2'" . DA  A 1 7  ? 1.050   8.925   -1.228  1.00 17.54 ? 7   DA  A "C2'" 1 
ATOM   131 C  "C1'" . DA  A 1 7  ? 0.451   7.548   -1.036  1.00 16.07 ? 7   DA  A "C1'" 1 
ATOM   132 N  N9    . DA  A 1 7  ? 1.467   6.543   -1.383  1.00 4.71  ? 7   DA  A N9    1 
ATOM   133 C  C8    . DA  A 1 7  ? 2.112   6.318   -2.580  1.00 6.40  ? 7   DA  A C8    1 
ATOM   134 N  N7    . DA  A 1 7  ? 2.986   5.342   -2.519  1.00 10.50 ? 7   DA  A N7    1 
ATOM   135 C  C5    . DA  A 1 7  ? 2.925   4.905   -1.197  1.00 8.14  ? 7   DA  A C5    1 
ATOM   136 C  C6    . DA  A 1 7  ? 3.617   3.898   -0.481  1.00 6.30  ? 7   DA  A C6    1 
ATOM   137 N  N6    . DA  A 1 7  ? 4.515   3.051   -0.966  1.00 6.05  ? 7   DA  A N6    1 
ATOM   138 N  N1    . DA  A 1 7  ? 3.240   3.778   0.823   1.00 4.49  ? 7   DA  A N1    1 
ATOM   139 C  C2    . DA  A 1 7  ? 2.339   4.540   1.437   1.00 3.06  ? 7   DA  A C2    1 
ATOM   140 N  N3    . DA  A 1 7  ? 1.654   5.559   0.816   1.00 7.85  ? 7   DA  A N3    1 
ATOM   141 C  C4    . DA  A 1 7  ? 2.012   5.649   -0.487  1.00 9.83  ? 7   DA  A C4    1 
ATOM   142 P  P     . DT  A 1 8  ? -0.102  11.650  0.082   1.00 22.45 ? 8   DT  A P     1 
ATOM   143 O  OP1   . DT  A 1 8  ? -1.284  12.531  0.346   1.00 39.12 ? 8   DT  A OP1   1 
ATOM   144 O  OP2   . DT  A 1 8  ? 1.127   12.369  -0.422  1.00 26.27 ? 8   DT  A OP2   1 
ATOM   145 O  "O5'" . DT  A 1 8  ? 0.307   11.049  1.496   1.00 13.23 ? 8   DT  A "O5'" 1 
ATOM   146 C  "C5'" . DT  A 1 8  ? -0.392  9.925   2.119   1.00 2.50  ? 8   DT  A "C5'" 1 
ATOM   147 C  "C4'" . DT  A 1 8  ? 0.550   9.516   3.266   1.00 9.33  ? 8   DT  A "C4'" 1 
ATOM   148 O  "O4'" . DT  A 1 8  ? 1.380   8.482   2.806   1.00 12.11 ? 8   DT  A "O4'" 1 
ATOM   149 C  "C3'" . DT  A 1 8  ? 1.461   10.641  3.754   1.00 12.94 ? 8   DT  A "C3'" 1 
ATOM   150 O  "O3'" . DT  A 1 8  ? 1.177   10.915  5.124   1.00 22.16 ? 8   DT  A "O3'" 1 
ATOM   151 C  "C2'" . DT  A 1 8  ? 2.863   10.147  3.461   1.00 17.00 ? 8   DT  A "C2'" 1 
ATOM   152 C  "C1'" . DT  A 1 8  ? 2.733   8.678   3.236   1.00 13.62 ? 8   DT  A "C1'" 1 
ATOM   153 N  N1    . DT  A 1 8  ? 3.632   8.165   2.187   1.00 1.81  ? 8   DT  A N1    1 
ATOM   154 C  C2    . DT  A 1 8  ? 4.366   7.013   2.440   1.00 11.29 ? 8   DT  A C2    1 
ATOM   155 O  O2    . DT  A 1 8  ? 4.294   6.412   3.499   1.00 11.78 ? 8   DT  A O2    1 
ATOM   156 N  N3    . DT  A 1 8  ? 5.203   6.552   1.453   1.00 5.79  ? 8   DT  A N3    1 
ATOM   157 C  C4    . DT  A 1 8  ? 5.289   7.166   0.225   1.00 5.18  ? 8   DT  A C4    1 
ATOM   158 O  O4    . DT  A 1 8  ? 6.083   6.633   -0.565  1.00 5.00  ? 8   DT  A O4    1 
ATOM   159 C  C5    . DT  A 1 8  ? 4.526   8.344   -0.003  1.00 6.48  ? 8   DT  A C5    1 
ATOM   160 C  C7    . DT  A 1 8  ? 4.598   9.093   -1.310  1.00 5.44  ? 8   DT  A C7    1 
ATOM   161 C  C6    . DT  A 1 8  ? 3.738   8.787   0.972   1.00 13.63 ? 8   DT  A C6    1 
ATOM   162 P  P     . DC  A 1 9  ? 1.961   11.339  6.431   1.00 17.62 ? 9   DC  A P     1 
ATOM   163 O  OP1   . DC  A 1 9  ? 0.844   11.578  7.391   1.00 20.38 ? 9   DC  A OP1   1 
ATOM   164 O  OP2   . DC  A 1 9  ? 2.759   12.558  6.033   1.00 12.72 ? 9   DC  A OP2   1 
ATOM   165 O  "O5'" . DC  A 1 9  ? 2.926   10.195  6.954   1.00 13.86 ? 9   DC  A "O5'" 1 
ATOM   166 C  "C5'" . DC  A 1 9  ? 2.563   8.896   7.397   1.00 14.66 ? 9   DC  A "C5'" 1 
ATOM   167 C  "C4'" . DC  A 1 9  ? 3.809   8.111   7.801   1.00 4.23  ? 9   DC  A "C4'" 1 
ATOM   168 O  "O4'" . DC  A 1 9  ? 4.553   7.740   6.637   1.00 12.09 ? 9   DC  A "O4'" 1 
ATOM   169 C  "C3'" . DC  A 1 9  ? 4.773   8.854   8.700   1.00 13.63 ? 9   DC  A "C3'" 1 
ATOM   170 O  "O3'" . DC  A 1 9  ? 5.227   7.980   9.737   1.00 19.82 ? 9   DC  A "O3'" 1 
ATOM   171 C  "C2'" . DC  A 1 9  ? 5.889   9.277   7.738   1.00 13.36 ? 9   DC  A "C2'" 1 
ATOM   172 C  "C1'" . DC  A 1 9  ? 5.956   8.131   6.795   1.00 20.94 ? 9   DC  A "C1'" 1 
ATOM   173 N  N1    . DC  A 1 9  ? 6.507   8.434   5.468   1.00 11.53 ? 9   DC  A N1    1 
ATOM   174 C  C2    . DC  A 1 9  ? 7.389   7.535   4.905   1.00 16.67 ? 9   DC  A C2    1 
ATOM   175 O  O2    . DC  A 1 9  ? 7.807   6.540   5.496   1.00 12.39 ? 9   DC  A O2    1 
ATOM   176 N  N3    . DC  A 1 9  ? 7.867   7.778   3.642   1.00 12.65 ? 9   DC  A N3    1 
ATOM   177 C  C4    . DC  A 1 9  ? 7.497   8.883   2.942   1.00 8.15  ? 9   DC  A C4    1 
ATOM   178 N  N4    . DC  A 1 9  ? 8.024   9.028   1.740   1.00 8.72  ? 9   DC  A N4    1 
ATOM   179 C  C5    . DC  A 1 9  ? 6.565   9.788   3.509   1.00 13.08 ? 9   DC  A C5    1 
ATOM   180 C  C6    . DC  A 1 9  ? 6.108   9.551   4.741   1.00 10.44 ? 9   DC  A C6    1 
ATOM   181 P  P     . DG  A 1 10 ? 5.747   8.461   11.172  1.00 13.67 ? 10  DG  A P     1 
ATOM   182 O  OP1   . DG  A 1 10 ? 5.241   7.347   11.998  1.00 18.43 ? 10  DG  A OP1   1 
ATOM   183 O  OP2   . DG  A 1 10 ? 5.474   9.895   11.380  1.00 25.46 ? 10  DG  A OP2   1 
ATOM   184 O  "O5'" . DG  A 1 10 ? 7.347   8.277   10.933  1.00 22.40 ? 10  DG  A "O5'" 1 
ATOM   185 C  "C5'" . DG  A 1 10 ? 7.620   6.888   10.525  1.00 11.86 ? 10  DG  A "C5'" 1 
ATOM   186 C  "C4'" . DG  A 1 10 ? 9.110   6.794   10.309  1.00 5.58  ? 10  DG  A "C4'" 1 
ATOM   187 O  "O4'" . DG  A 1 10 ? 9.418   7.189   8.949   1.00 20.46 ? 10  DG  A "O4'" 1 
ATOM   188 C  "C3'" . DG  A 1 10 ? 9.962   7.692   11.189  1.00 18.45 ? 10  DG  A "C3'" 1 
ATOM   189 O  "O3'" . DG  A 1 10 ? 11.247  7.142   11.511  1.00 21.98 ? 10  DG  A "O3'" 1 
ATOM   190 C  "C2'" . DG  A 1 10 ? 10.054  8.964   10.321  1.00 21.56 ? 10  DG  A "C2'" 1 
ATOM   191 C  "C1'" . DG  A 1 10 ? 10.310  8.334   8.968   1.00 19.93 ? 10  DG  A "C1'" 1 
ATOM   192 N  N9    . DG  A 1 10 ? 10.026  9.238   7.850   1.00 11.14 ? 10  DG  A N9    1 
ATOM   193 C  C8    . DG  A 1 10 ? 9.198   10.330  7.812   1.00 5.06  ? 10  DG  A C8    1 
ATOM   194 N  N7    . DG  A 1 10 ? 9.146   10.917  6.617   1.00 13.63 ? 10  DG  A N7    1 
ATOM   195 C  C5    . DG  A 1 10 ? 9.971   10.109  5.834   1.00 7.92  ? 10  DG  A C5    1 
ATOM   196 C  C6    . DG  A 1 10 ? 10.350  10.174  4.438   1.00 8.65  ? 10  DG  A C6    1 
ATOM   197 O  O6    . DG  A 1 10 ? 9.961   11.002  3.634   1.00 10.05 ? 10  DG  A O6    1 
ATOM   198 N  N1    . DG  A 1 10 ? 11.194  9.189   4.048   1.00 3.41  ? 10  DG  A N1    1 
ATOM   199 C  C2    . DG  A 1 10 ? 11.658  8.219   4.857   1.00 6.64  ? 10  DG  A C2    1 
ATOM   200 N  N2    . DG  A 1 10 ? 12.498  7.313   4.344   1.00 9.03  ? 10  DG  A N2    1 
ATOM   201 N  N3    . DG  A 1 10 ? 11.359  8.108   6.166   1.00 7.50  ? 10  DG  A N3    1 
ATOM   202 C  C4    . DG  A 1 10 ? 10.520  9.084   6.558   1.00 4.30  ? 10  DG  A C4    1 
ATOM   203 O  "O5'" . DC  B 1 1  ? 18.429  7.385   -1.374  1.00 11.60 ? 11  DC  B "O5'" 1 
ATOM   204 C  "C5'" . DC  B 1 1  ? 17.333  7.033   -2.244  1.00 22.90 ? 11  DC  B "C5'" 1 
ATOM   205 C  "C4'" . DC  B 1 1  ? 16.361  6.180   -1.487  1.00 24.82 ? 11  DC  B "C4'" 1 
ATOM   206 O  "O4'" . DC  B 1 1  ? 15.584  6.928   -0.547  1.00 23.91 ? 11  DC  B "O4'" 1 
ATOM   207 C  "C3'" . DC  B 1 1  ? 15.324  5.465   -2.380  1.00 13.03 ? 11  DC  B "C3'" 1 
ATOM   208 O  "O3'" . DC  B 1 1  ? 15.040  4.181   -1.871  1.00 16.98 ? 11  DC  B "O3'" 1 
ATOM   209 C  "C2'" . DC  B 1 1  ? 14.144  6.438   -2.325  1.00 12.56 ? 11  DC  B "C2'" 1 
ATOM   210 C  "C1'" . DC  B 1 1  ? 14.194  6.712   -0.797  1.00 15.96 ? 11  DC  B "C1'" 1 
ATOM   211 N  N1    . DC  B 1 1  ? 13.329  7.815   -0.424  1.00 9.31  ? 11  DC  B N1    1 
ATOM   212 C  C2    . DC  B 1 1  ? 12.879  7.796   0.910   1.00 12.11 ? 11  DC  B C2    1 
ATOM   213 O  O2    . DC  B 1 1  ? 13.253  6.892   1.647   1.00 17.70 ? 11  DC  B O2    1 
ATOM   214 N  N3    . DC  B 1 1  ? 12.058  8.788   1.310   1.00 7.05  ? 11  DC  B N3    1 
ATOM   215 C  C4    . DC  B 1 1  ? 11.657  9.789   0.502   1.00 11.23 ? 11  DC  B C4    1 
ATOM   216 N  N4    . DC  B 1 1  ? 10.855  10.745  0.990   1.00 8.50  ? 11  DC  B N4    1 
ATOM   217 C  C5    . DC  B 1 1  ? 12.109  9.808   -0.840  1.00 10.66 ? 11  DC  B C5    1 
ATOM   218 C  C6    . DC  B 1 1  ? 12.937  8.836   -1.246  1.00 9.53  ? 11  DC  B C6    1 
ATOM   219 P  P     . DG  B 1 2  ? 15.584  2.800   -2.440  1.00 15.61 ? 12  DG  B P     1 
ATOM   220 O  OP1   . DG  B 1 2  ? 17.063  2.817   -2.545  1.00 16.28 ? 12  DG  B OP1   1 
ATOM   221 O  OP2   . DG  B 1 2  ? 14.893  2.425   -3.701  1.00 16.82 ? 12  DG  B OP2   1 
ATOM   222 O  "O5'" . DG  B 1 2  ? 15.062  1.692   -1.355  1.00 12.01 ? 12  DG  B "O5'" 1 
ATOM   223 C  "C5'" . DG  B 1 2  ? 15.910  1.603   -0.183  1.00 10.69 ? 12  DG  B "C5'" 1 
ATOM   224 C  "C4'" . DG  B 1 2  ? 15.007  1.356   0.996   1.00 14.42 ? 12  DG  B "C4'" 1 
ATOM   225 O  "O4'" . DG  B 1 2  ? 14.255  2.472   1.361   1.00 11.83 ? 12  DG  B "O4'" 1 
ATOM   226 C  "C3'" . DG  B 1 2  ? 13.989  0.209   0.755   1.00 8.13  ? 12  DG  B "C3'" 1 
ATOM   227 O  "O3'" . DG  B 1 2  ? 14.015  -0.628  1.898   1.00 8.85  ? 12  DG  B "O3'" 1 
ATOM   228 C  "C2'" . DG  B 1 2  ? 12.673  0.924   0.512   1.00 2.98  ? 12  DG  B "C2'" 1 
ATOM   229 C  "C1'" . DG  B 1 2  ? 12.859  2.137   1.400   1.00 4.83  ? 12  DG  B "C1'" 1 
ATOM   230 N  N9    . DG  B 1 2  ? 12.058  3.243   0.874   1.00 13.11 ? 12  DG  B N9    1 
ATOM   231 C  C8    . DG  B 1 2  ? 11.916  3.638   -0.427  1.00 17.42 ? 12  DG  B C8    1 
ATOM   232 N  N7    . DG  B 1 2  ? 11.107  4.651   -0.572  1.00 15.59 ? 12  DG  B N7    1 
ATOM   233 C  C5    . DG  B 1 2  ? 10.711  4.969   0.707   1.00 14.47 ? 12  DG  B C5    1 
ATOM   234 C  C6    . DG  B 1 2  ? 9.836   5.961   1.222   1.00 11.27 ? 12  DG  B C6    1 
ATOM   235 O  O6    . DG  B 1 2  ? 9.239   6.870   0.600   1.00 7.28  ? 12  DG  B O6    1 
ATOM   236 N  N1    . DG  B 1 2  ? 9.731   5.911   2.582   1.00 7.03  ? 12  DG  B N1    1 
ATOM   237 C  C2    . DG  B 1 2  ? 10.323  5.007   3.370   1.00 2.43  ? 12  DG  B C2    1 
ATOM   238 N  N2    . DG  B 1 2  ? 10.070  5.113   4.702   1.00 8.43  ? 12  DG  B N2    1 
ATOM   239 N  N3    . DG  B 1 2  ? 11.189  4.067   2.967   1.00 5.05  ? 12  DG  B N3    1 
ATOM   240 C  C4    . DG  B 1 2  ? 11.282  4.092   1.615   1.00 14.08 ? 12  DG  B C4    1 
ATOM   241 P  P     . DA  B 1 3  ? 13.059  -1.801  2.378   1.00 12.34 ? 13  DA  B P     1 
ATOM   242 O  OP1   . DA  B 1 3  ? 13.968  -2.650  3.191   1.00 8.06  ? 13  DA  B OP1   1 
ATOM   243 O  OP2   . DA  B 1 3  ? 12.393  -2.369  1.165   1.00 13.93 ? 13  DA  B OP2   1 
ATOM   244 O  "O5'" . DA  B 1 3  ? 11.960  -1.095  3.340   1.00 12.29 ? 13  DA  B "O5'" 1 
ATOM   245 C  "C5'" . DA  B 1 3  ? 12.516  -0.308  4.424   1.00 5.12  ? 13  DA  B "C5'" 1 
ATOM   246 C  "C4'" . DA  B 1 3  ? 11.414  0.023   5.416   1.00 8.62  ? 13  DA  B "C4'" 1 
ATOM   247 O  "O4'" . DA  B 1 3  ? 10.618  1.090   4.929   1.00 13.88 ? 13  DA  B "O4'" 1 
ATOM   248 C  "C3'" . DA  B 1 3  ? 10.417  -1.050  5.821   1.00 10.33 ? 13  DA  B "C3'" 1 
ATOM   249 O  "O3'" . DA  B 1 3  ? 10.106  -0.906  7.204   1.00 16.72 ? 13  DA  B "O3'" 1 
ATOM   250 C  "C2'" . DA  B 1 3  ? 9.207   -0.792  4.891   1.00 6.22  ? 13  DA  B "C2'" 1 
ATOM   251 C  "C1'" . DA  B 1 3  ? 9.227   0.651   4.748   1.00 7.59  ? 13  DA  B "C1'" 1 
ATOM   252 N  N9    . DA  B 1 3  ? 8.902   1.160   3.401   1.00 12.12 ? 13  DA  B N9    1 
ATOM   253 C  C8    . DA  B 1 3  ? 9.422   0.726   2.201   1.00 6.66  ? 13  DA  B C8    1 
ATOM   254 N  N7    . DA  B 1 3  ? 9.018   1.440   1.188   1.00 13.63 ? 13  DA  B N7    1 
ATOM   255 C  C5    . DA  B 1 3  ? 8.230   2.430   1.751   1.00 2.52  ? 13  DA  B C5    1 
ATOM   256 C  C6    . DA  B 1 3  ? 7.511   3.505   1.155   1.00 10.00 ? 13  DA  B C6    1 
ATOM   257 N  N6    . DA  B 1 3  ? 7.470   3.744   -0.167  1.00 3.69  ? 13  DA  B N6    1 
ATOM   258 N  N1    . DA  B 1 3  ? 6.834   4.253   2.030   1.00 1.25  ? 13  DA  B N1    1 
ATOM   259 C  C2    . DA  B 1 3  ? 6.831   4.033   3.370   1.00 2.13  ? 13  DA  B C2    1 
ATOM   260 N  N3    . DA  B 1 3  ? 7.498   3.064   4.013   1.00 9.70  ? 13  DA  B N3    1 
ATOM   261 C  C4    . DA  B 1 3  ? 8.159   2.278   3.107   1.00 10.16 ? 13  DA  B C4    1 
ATOM   262 P  P     . DT  B 1 4  ? 8.884   -1.675  7.937   1.00 12.92 ? 14  DT  B P     1 
ATOM   263 O  OP1   . DT  B 1 4  ? 9.400   -1.886  9.307   1.00 30.10 ? 14  DT  B OP1   1 
ATOM   264 O  OP2   . DT  B 1 4  ? 8.461   -2.883  7.143   1.00 7.35  ? 14  DT  B OP2   1 
ATOM   265 O  "O5'" . DT  B 1 4  ? 7.636   -0.717  7.801   1.00 9.19  ? 14  DT  B "O5'" 1 
ATOM   266 C  "C5'" . DT  B 1 4  ? 7.684   0.647   8.292   1.00 15.42 ? 14  DT  B "C5'" 1 
ATOM   267 C  "C4'" . DT  B 1 4  ? 6.262   1.159   7.984   1.00 22.28 ? 14  DT  B "C4'" 1 
ATOM   268 O  "O4'" . DT  B 1 4  ? 6.118   1.454   6.634   1.00 14.29 ? 14  DT  B "O4'" 1 
ATOM   269 C  "C3'" . DT  B 1 4  ? 5.195   0.115   8.339   1.00 17.16 ? 14  DT  B "C3'" 1 
ATOM   270 O  "O3'" . DT  B 1 4  ? 4.416   0.607   9.438   1.00 23.50 ? 14  DT  B "O3'" 1 
ATOM   271 C  "C2'" . DT  B 1 4  ? 4.439   -0.104  7.038   1.00 14.85 ? 14  DT  B "C2'" 1 
ATOM   272 C  "C1'" . DT  B 1 4  ? 4.717   1.068   6.226   1.00 13.63 ? 14  DT  B "C1'" 1 
ATOM   273 N  N1    . DT  B 1 4  ? 4.813   0.904   4.776   1.00 11.42 ? 14  DT  B N1    1 
ATOM   274 C  C2    . DT  B 1 4  ? 4.303   1.915   3.988   1.00 3.13  ? 14  DT  B C2    1 
ATOM   275 O  O2    . DT  B 1 4  ? 3.668   2.838   4.449   1.00 3.07  ? 14  DT  B O2    1 
ATOM   276 N  N3    . DT  B 1 4  ? 4.455   1.828   2.627   1.00 6.80  ? 14  DT  B N3    1 
ATOM   277 C  C4    . DT  B 1 4  ? 5.142   0.808   2.059   1.00 7.19  ? 14  DT  B C4    1 
ATOM   278 O  O4    . DT  B 1 4  ? 5.237   0.820   0.788   1.00 10.09 ? 14  DT  B O4    1 
ATOM   279 C  C5    . DT  B 1 4  ? 5.704   -0.206  2.879   1.00 13.49 ? 14  DT  B C5    1 
ATOM   280 C  C7    . DT  B 1 4  ? 6.467   -1.325  2.218   1.00 8.32  ? 14  DT  B C7    1 
ATOM   281 C  C6    . DT  B 1 4  ? 5.551   -0.103  4.209   1.00 5.21  ? 14  DT  B C6    1 
ATOM   282 P  P     . DT  B 1 5  ? 2.997   0.047   9.860   1.00 17.12 ? 15  DT  B P     1 
ATOM   283 O  OP1   . DT  B 1 5  ? 2.985   0.226   11.344  1.00 32.13 ? 15  DT  B OP1   1 
ATOM   284 O  OP2   . DT  B 1 5  ? 2.822   -1.401  9.478   1.00 18.30 ? 15  DT  B OP2   1 
ATOM   285 O  "O5'" . DT  B 1 5  ? 1.899   0.848   9.077   1.00 11.39 ? 15  DT  B "O5'" 1 
ATOM   286 C  "C5'" . DT  B 1 5  ? 1.864   2.262   9.090   1.00 5.44  ? 15  DT  B "C5'" 1 
ATOM   287 C  "C4'" . DT  B 1 5  ? 0.892   2.612   7.957   1.00 17.93 ? 15  DT  B "C4'" 1 
ATOM   288 O  "O4'" . DT  B 1 5  ? 1.405   2.112   6.753   1.00 12.48 ? 15  DT  B "O4'" 1 
ATOM   289 C  "C3'" . DT  B 1 5  ? -0.507  2.036   8.124   1.00 7.48  ? 15  DT  B "C3'" 1 
ATOM   290 O  "O3'" . DT  B 1 5  ? -1.411  3.097   8.478   1.00 7.54  ? 15  DT  B "O3'" 1 
ATOM   291 C  "C2'" . DT  B 1 5  ? -0.803  1.387   6.771   1.00 10.55 ? 15  DT  B "C2'" 1 
ATOM   292 C  "C1'" . DT  B 1 5  ? 0.218   1.879   5.864   1.00 15.63 ? 15  DT  B "C1'" 1 
ATOM   293 N  N1    . DT  B 1 5  ? 0.754   0.939   4.861   1.00 6.51  ? 15  DT  B N1    1 
ATOM   294 C  C2    . DT  B 1 5  ? 0.704   1.312   3.522   1.00 15.58 ? 15  DT  B C2    1 
ATOM   295 O  O2    . DT  B 1 5  ? 0.176   2.364   3.208   1.00 2.32  ? 15  DT  B O2    1 
ATOM   296 N  N3    . DT  B 1 5  ? 1.248   0.456   2.584   1.00 0.44  ? 15  DT  B N3    1 
ATOM   297 C  C4    . DT  B 1 5  ? 1.817   -0.715  2.957   1.00 5.22  ? 15  DT  B C4    1 
ATOM   298 O  O4    . DT  B 1 5  ? 2.307   -1.443  2.051   1.00 9.68  ? 15  DT  B O4    1 
ATOM   299 C  C5    . DT  B 1 5  ? 1.847   -1.088  4.335   1.00 3.16  ? 15  DT  B C5    1 
ATOM   300 C  C7    . DT  B 1 5  ? 2.478   -2.354  4.818   1.00 4.27  ? 15  DT  B C7    1 
ATOM   301 C  C6    . DT  B 1 5  ? 1.332   -0.228  5.237   1.00 7.70  ? 15  DT  B C6    1 
ATOM   302 P  P     . DA  B 1 6  ? -2.964  2.890   8.792   1.00 14.02 ? 16  DA  B P     1 
ATOM   303 O  OP1   . DA  B 1 6  ? -3.387  4.019   9.597   1.00 15.35 ? 16  DA  B OP1   1 
ATOM   304 O  OP2   . DA  B 1 6  ? -3.234  1.534   9.363   1.00 17.15 ? 16  DA  B OP2   1 
ATOM   305 O  "O5'" . DA  B 1 6  ? -3.518  2.912   7.289   1.00 5.82  ? 16  DA  B "O5'" 1 
ATOM   306 C  "C5'" . DA  B 1 6  ? -3.558  4.204   6.586   1.00 6.59  ? 16  DA  B "C5'" 1 
ATOM   307 C  "C4'" . DA  B 1 6  ? -4.224  3.941   5.246   1.00 15.17 ? 16  DA  B "C4'" 1 
ATOM   308 O  "O4'" . DA  B 1 6  ? -3.427  3.085   4.453   1.00 20.10 ? 16  DA  B "O4'" 1 
ATOM   309 C  "C3'" . DA  B 1 6  ? -5.595  3.284   5.337   1.00 10.42 ? 16  DA  B "C3'" 1 
ATOM   310 O  "O3'" . DA  B 1 6  ? -6.490  3.766   4.349   1.00 16.32 ? 16  DA  B "O3'" 1 
ATOM   311 C  "C2'" . DA  B 1 6  ? -5.263  1.805   5.118   1.00 3.76  ? 16  DA  B "C2'" 1 
ATOM   312 C  "C1'" . DA  B 1 6  ? -4.225  1.927   4.033   1.00 6.29  ? 16  DA  B "C1'" 1 
ATOM   313 N  N9    . DA  B 1 6  ? -3.376  0.752   3.900   1.00 6.32  ? 16  DA  B N9    1 
ATOM   314 C  C8    . DA  B 1 6  ? -2.962  -0.166  4.811   1.00 11.17 ? 16  DA  B C8    1 
ATOM   315 N  N7    . DA  B 1 6  ? -2.202  -1.137  4.320   1.00 6.69  ? 16  DA  B N7    1 
ATOM   316 C  C5    . DA  B 1 6  ? -2.116  -0.813  2.981   1.00 1.88  ? 16  DA  B C5    1 
ATOM   317 C  C6    . DA  B 1 6  ? -1.422  -1.466  1.935   1.00 2.32  ? 16  DA  B C6    1 
ATOM   318 N  N6    . DA  B 1 6  ? -0.735  -2.543  2.172   1.00 10.00 ? 16  DA  B N6    1 
ATOM   319 N  N1    . DA  B 1 6  ? -1.540  -0.879  0.703   1.00 5.93  ? 16  DA  B N1    1 
ATOM   320 C  C2    . DA  B 1 6  ? -2.257  0.237   0.537   1.00 2.35  ? 16  DA  B C2    1 
ATOM   321 N  N3    . DA  B 1 6  ? -2.941  0.916   1.486   1.00 5.33  ? 16  DA  B N3    1 
ATOM   322 C  C4    . DA  B 1 6  ? -2.826  0.331   2.684   1.00 2.13  ? 16  DA  B C4    1 
ATOM   323 P  P     . DA  B 1 7  ? -7.882  4.494   4.563   1.00 14.22 ? 17  DA  B P     1 
ATOM   324 O  OP1   . DA  B 1 7  ? -7.660  5.928   4.856   1.00 16.69 ? 17  DA  B OP1   1 
ATOM   325 O  OP2   . DA  B 1 7  ? -8.732  3.695   5.502   1.00 25.72 ? 17  DA  B OP2   1 
ATOM   326 O  "O5'" . DA  B 1 7  ? -8.487  4.351   3.081   1.00 11.11 ? 17  DA  B "O5'" 1 
ATOM   327 C  "C5'" . DA  B 1 7  ? -8.999  3.165   2.427   1.00 7.16  ? 17  DA  B "C5'" 1 
ATOM   328 C  "C4'" . DA  B 1 7  ? -8.232  3.088   1.117   1.00 3.27  ? 17  DA  B "C4'" 1 
ATOM   329 O  "O4'" . DA  B 1 7  ? -6.943  2.551   1.355   1.00 5.65  ? 17  DA  B "O4'" 1 
ATOM   330 C  "C3'" . DA  B 1 7  ? -8.878  2.131   0.113   1.00 10.00 ? 17  DA  B "C3'" 1 
ATOM   331 O  "O3'" . DA  B 1 7  ? -9.836  2.846   -0.714  1.00 5.77  ? 17  DA  B "O3'" 1 
ATOM   332 C  "C2'" . DA  B 1 7  ? -7.758  1.568   -0.645  1.00 1.71  ? 17  DA  B "C2'" 1 
ATOM   333 C  "C1'" . DA  B 1 7  ? -6.608  1.613   0.280   1.00 1.12  ? 17  DA  B "C1'" 1 
ATOM   334 N  N9    . DA  B 1 7  ? -6.199  0.330   0.852   1.00 3.46  ? 17  DA  B N9    1 
ATOM   335 C  C8    . DA  B 1 7  ? -6.355  -0.112  2.149   1.00 6.46  ? 17  DA  B C8    1 
ATOM   336 N  N7    . DA  B 1 7  ? -5.813  -1.280  2.369   1.00 7.52  ? 17  DA  B N7    1 
ATOM   337 C  C5    . DA  B 1 7  ? -5.210  -1.614  1.158   1.00 8.68  ? 17  DA  B C5    1 
ATOM   338 C  C6    . DA  B 1 7  ? -4.469  -2.749  0.737   1.00 12.68 ? 17  DA  B C6    1 
ATOM   339 N  N6    . DA  B 1 7  ? -4.137  -3.780  1.522   1.00 9.66  ? 17  DA  B N6    1 
ATOM   340 N  N1    . DA  B 1 7  ? -4.057  -2.713  -0.546  1.00 2.85  ? 17  DA  B N1    1 
ATOM   341 C  C2    . DA  B 1 7  ? -4.305  -1.684  -1.396  1.00 0.26  ? 17  DA  B C2    1 
ATOM   342 N  N3    . DA  B 1 7  ? -5.018  -0.564  -1.057  1.00 1.52  ? 17  DA  B N3    1 
ATOM   343 C  C4    . DA  B 1 7  ? -5.436  -0.633  0.219   1.00 7.28  ? 17  DA  B C4    1 
ATOM   344 P  P     . DT  B 1 8  ? -11.054 1.905   -1.131  1.00 6.86  ? 18  DT  B P     1 
ATOM   345 O  OP1   . DT  B 1 8  ? -12.128 2.833   -1.572  1.00 8.95  ? 18  DT  B OP1   1 
ATOM   346 O  OP2   . DT  B 1 8  ? -11.525 0.843   -0.165  1.00 8.40  ? 18  DT  B OP2   1 
ATOM   347 O  "O5'" . DT  B 1 8  ? -10.539 1.058   -2.406  1.00 8.07  ? 18  DT  B "O5'" 1 
ATOM   348 C  "C5'" . DT  B 1 8  ? -9.769  1.973   -3.306  1.00 4.71  ? 18  DT  B "C5'" 1 
ATOM   349 C  "C4'" . DT  B 1 8  ? -9.163  1.026   -4.332  1.00 3.30  ? 18  DT  B "C4'" 1 
ATOM   350 O  "O4'" . DT  B 1 8  ? -8.198  0.206   -3.681  1.00 1.91  ? 18  DT  B "O4'" 1 
ATOM   351 C  "C3'" . DT  B 1 8  ? -10.090 0.089   -5.083  1.00 8.37  ? 18  DT  B "C3'" 1 
ATOM   352 O  "O3'" . DT  B 1 8  ? -9.712  -0.037  -6.448  1.00 12.37 ? 18  DT  B "O3'" 1 
ATOM   353 C  "C2'" . DT  B 1 8  ? -9.914  -1.242  -4.335  1.00 9.35  ? 18  DT  B "C2'" 1 
ATOM   354 C  "C1'" . DT  B 1 8  ? -8.450  -1.170  -3.982  1.00 10.00 ? 18  DT  B "C1'" 1 
ATOM   355 N  N1    . DT  B 1 8  ? -8.200  -1.991  -2.774  1.00 8.22  ? 18  DT  B N1    1 
ATOM   356 C  C2    . DT  B 1 8  ? -7.338  -3.050  -2.852  1.00 10.75 ? 18  DT  B C2    1 
ATOM   357 O  O2    . DT  B 1 8  ? -6.747  -3.335  -3.879  1.00 7.21  ? 18  DT  B O2    1 
ATOM   358 N  N3    . DT  B 1 8  ? -7.113  -3.799  -1.724  1.00 0.93  ? 18  DT  B N3    1 
ATOM   359 C  C4    . DT  B 1 8  ? -7.761  -3.490  -0.533  1.00 2.48  ? 18  DT  B C4    1 
ATOM   360 O  O4    . DT  B 1 8  ? -7.495  -4.238  0.440   1.00 4.72  ? 18  DT  B O4    1 
ATOM   361 C  C5    . DT  B 1 8  ? -8.653  -2.382  -0.489  1.00 10.40 ? 18  DT  B C5    1 
ATOM   362 C  C7    . DT  B 1 8  ? -9.377  -2.020  0.793   1.00 23.12 ? 18  DT  B C7    1 
ATOM   363 C  C6    . DT  B 1 8  ? -8.842  -1.670  -1.593  1.00 13.61 ? 18  DT  B C6    1 
ATOM   364 P  P     . DC  B 1 9  ? -10.332 -1.101  -7.547  1.00 11.42 ? 19  DC  B P     1 
ATOM   365 O  OP1   . DC  B 1 9  ? -9.968  -0.269  -8.737  1.00 12.72 ? 19  DC  B OP1   1 
ATOM   366 O  OP2   . DC  B 1 9  ? -11.774 -1.252  -7.231  1.00 17.96 ? 19  DC  B OP2   1 
ATOM   367 O  "O5'" . DC  B 1 9  ? -9.485  -2.398  -7.507  1.00 13.80 ? 19  DC  B "O5'" 1 
ATOM   368 C  "C5'" . DC  B 1 9  ? -8.165  -2.053  -8.046  1.00 13.69 ? 19  DC  B "C5'" 1 
ATOM   369 C  "C4'" . DC  B 1 9  ? -7.487  -3.419  -8.108  1.00 10.12 ? 19  DC  B "C4'" 1 
ATOM   370 O  "O4'" . DC  B 1 9  ? -7.532  -4.040  -6.849  1.00 19.88 ? 19  DC  B "O4'" 1 
ATOM   371 C  "C3'" . DC  B 1 9  ? -8.157  -4.391  -9.077  1.00 10.64 ? 19  DC  B "C3'" 1 
ATOM   372 O  "O3'" . DC  B 1 9  ? -7.094  -5.067  -9.785  1.00 10.42 ? 19  DC  B "O3'" 1 
ATOM   373 C  "C2'" . DC  B 1 9  ? -9.021  -5.227  -8.152  1.00 9.06  ? 19  DC  B "C2'" 1 
ATOM   374 C  "C1'" . DC  B 1 9  ? -8.127  -5.416  -6.992  1.00 4.93  ? 19  DC  B "C1'" 1 
ATOM   375 N  N1    . DC  B 1 9  ? -8.694  -5.646  -5.663  1.00 11.16 ? 19  DC  B N1    1 
ATOM   376 C  C2    . DC  B 1 9  ? -8.241  -6.694  -4.907  1.00 9.24  ? 19  DC  B C2    1 
ATOM   377 O  O2    . DC  B 1 9  ? -7.443  -7.528  -5.331  1.00 6.12  ? 19  DC  B O2    1 
ATOM   378 N  N3    . DC  B 1 9  ? -8.743  -6.825  -3.662  1.00 4.07  ? 19  DC  B N3    1 
ATOM   379 C  C4    . DC  B 1 9  ? -9.610  -5.942  -3.116  1.00 3.07  ? 19  DC  B C4    1 
ATOM   380 N  N4    . DC  B 1 9  ? -10.027 -6.138  -1.868  1.00 12.50 ? 19  DC  B N4    1 
ATOM   381 C  C5    . DC  B 1 9  ? -10.044 -4.818  -3.872  1.00 4.50  ? 19  DC  B C5    1 
ATOM   382 C  C6    . DC  B 1 9  ? -9.553  -4.711  -5.112  1.00 13.16 ? 19  DC  B C6    1 
ATOM   383 P  P     . DG  B 1 10 ? -7.345  -6.123  -10.923 1.00 12.31 ? 20  DG  B P     1 
ATOM   384 O  OP1   . DG  B 1 10 ? -6.213  -6.254  -11.884 1.00 26.53 ? 20  DG  B OP1   1 
ATOM   385 O  OP2   . DG  B 1 10 ? -8.698  -5.661  -11.390 1.00 11.48 ? 20  DG  B OP2   1 
ATOM   386 O  "O5'" . DG  B 1 10 ? -7.581  -7.554  -10.209 1.00 6.10  ? 20  DG  B "O5'" 1 
ATOM   387 C  "C5'" . DG  B 1 10 ? -6.579  -8.122  -9.350  1.00 24.19 ? 20  DG  B "C5'" 1 
ATOM   388 C  "C4'" . DG  B 1 10 ? -6.844  -9.616  -9.248  1.00 30.89 ? 20  DG  B "C4'" 1 
ATOM   389 O  "O4'" . DG  B 1 10 ? -7.536  -9.903  -8.041  1.00 18.17 ? 20  DG  B "O4'" 1 
ATOM   390 C  "C3'" . DG  B 1 10 ? -7.711  -10.203 -10.360 1.00 35.82 ? 20  DG  B "C3'" 1 
ATOM   391 O  "O3'" . DG  B 1 10 ? -7.498  -11.581 -10.589 1.00 36.02 ? 20  DG  B "O3'" 1 
ATOM   392 C  "C2'" . DG  B 1 10 ? -9.116  -9.893  -9.808  1.00 35.33 ? 20  DG  B "C2'" 1 
ATOM   393 C  "C1'" . DG  B 1 10 ? -8.934  -10.242 -8.361  1.00 26.96 ? 20  DG  B "C1'" 1 
ATOM   394 N  N9    . DG  B 1 10 ? -9.834  -9.503  -7.478  1.00 9.13  ? 20  DG  B N9    1 
ATOM   395 C  C8    . DG  B 1 10 ? -10.656 -8.430  -7.748  1.00 6.51  ? 20  DG  B C8    1 
ATOM   396 N  N7    . DG  B 1 10 ? -11.351 -8.022  -6.711  1.00 10.19 ? 20  DG  B N7    1 
ATOM   397 C  C5    . DG  B 1 10 ? -10.913 -8.844  -5.673  1.00 7.81  ? 20  DG  B C5    1 
ATOM   398 C  C6    . DG  B 1 10 ? -11.278 -8.905  -4.291  1.00 10.00 ? 20  DG  B C6    1 
ATOM   399 O  O6    . DG  B 1 10 ? -12.037 -8.146  -3.701  1.00 7.87  ? 20  DG  B O6    1 
ATOM   400 N  N1    . DG  B 1 10 ? -10.616 -9.876  -3.612  1.00 4.53  ? 20  DG  B N1    1 
ATOM   401 C  C2    . DG  B 1 10 ? -9.749  -10.755 -4.155  1.00 3.70  ? 20  DG  B C2    1 
ATOM   402 N  N2    . DG  B 1 10 ? -9.215  -11.681 -3.366  1.00 12.83 ? 20  DG  B N2    1 
ATOM   403 N  N3    . DG  B 1 10 ? -9.366  -10.741 -5.458  1.00 14.13 ? 20  DG  B N3    1 
ATOM   404 C  C4    . DG  B 1 10 ? -10.009 -9.766  -6.123  1.00 6.22  ? 20  DG  B C4    1 
HETATM 405 MG MG    . MG  C 2 .  ? -4.926  2.930   -3.962  1.00 4.68  ? 21  MG  B MG    1 
HETATM 406 O  O     . HOH D 3 .  ? -3.928  -5.145  -7.213  1.00 11.77 ? 23  HOH A O     1 
HETATM 407 O  O     . HOH D 3 .  ? -4.611  -2.769  -5.737  1.00 16.99 ? 24  HOH A O     1 
HETATM 408 O  O     . HOH D 3 .  ? -5.716  -12.894 -3.010  1.00 17.95 ? 28  HOH A O     1 
HETATM 409 O  O     . HOH D 3 .  ? -1.914  4.328   -1.303  1.00 15.85 ? 29  HOH A O     1 
HETATM 410 O  O     . HOH D 3 .  ? -0.765  6.635   2.300   1.00 11.85 ? 30  HOH A O     1 
HETATM 411 O  O     . HOH D 3 .  ? 13.130  5.821   7.380   1.00 13.37 ? 31  HOH A O     1 
HETATM 412 O  O     . HOH D 3 .  ? -10.046 -6.481  2.638   1.00 25.56 ? 36  HOH A O     1 
HETATM 413 O  O     . HOH D 3 .  ? -3.454  -7.959  2.666   1.00 32.37 ? 37  HOH A O     1 
HETATM 414 O  O     . HOH D 3 .  ? 2.296   -4.102  0.849   1.00 22.36 ? 39  HOH A O     1 
HETATM 415 O  O     . HOH D 3 .  ? 4.864   -1.266  -3.863  1.00 34.13 ? 40  HOH A O     1 
HETATM 416 O  O     . HOH D 3 .  ? 5.204   4.252   -4.124  1.00 21.04 ? 41  HOH A O     1 
HETATM 417 O  O     . HOH D 3 .  ? 7.628   5.427   -3.296  1.00 39.42 ? 42  HOH A O     1 
HETATM 418 O  O     . HOH D 3 .  ? 7.040   11.086  0.164   1.00 22.08 ? 43  HOH A O     1 
HETATM 419 O  O     . HOH D 3 .  ? 8.744   12.945  3.790   1.00 30.55 ? 44  HOH A O     1 
HETATM 420 O  O     . HOH D 3 .  ? -1.019  -10.971 -0.771  1.00 40.78 ? 52  HOH A O     1 
HETATM 421 O  O     . HOH D 3 .  ? 0.268   -10.582 0.755   1.00 8.76  ? 53  HOH A O     1 
HETATM 422 O  O     . HOH D 3 .  ? 2.228   -8.574  -3.061  1.00 16.79 ? 54  HOH A O     1 
HETATM 423 O  O     . HOH D 3 .  ? -3.250  -5.839  -9.781  1.00 10.17 ? 55  HOH A O     1 
HETATM 424 O  O     . HOH D 3 .  ? 3.109   -6.884  -8.511  1.00 19.22 ? 56  HOH A O     1 
HETATM 425 O  O     . HOH D 3 .  ? -2.981  0.842   -10.444 1.00 25.70 ? 57  HOH A O     1 
HETATM 426 O  O     . HOH D 3 .  ? 3.119   4.808   -7.580  1.00 34.78 ? 58  HOH A O     1 
HETATM 427 O  O     . HOH D 3 .  ? 2.836   1.329   -7.584  1.00 13.41 ? 59  HOH A O     1 
HETATM 428 O  O     . HOH D 3 .  ? -0.092  13.466  -2.535  1.00 9.53  ? 60  HOH A O     1 
HETATM 429 O  O     . HOH D 3 .  ? -2.079  11.142  -6.391  1.00 33.91 ? 61  HOH A O     1 
HETATM 430 O  O     . HOH D 3 .  ? 4.242   6.568   -6.056  1.00 36.10 ? 62  HOH A O     1 
HETATM 431 O  O     . HOH D 3 .  ? 3.315   11.934  -2.257  1.00 29.68 ? 64  HOH A O     1 
HETATM 432 O  O     . HOH D 3 .  ? 4.685   12.566  -0.343  1.00 35.66 ? 65  HOH A O     1 
HETATM 433 O  O     . HOH D 3 .  ? 5.216   12.596  4.300   1.00 18.57 ? 66  HOH A O     1 
HETATM 434 O  O     . HOH D 3 .  ? 4.731   2.923   -6.578  1.00 20.17 ? 90  HOH A O     1 
HETATM 435 O  O     . HOH D 3 .  ? 9.318   3.862   8.847   1.00 42.05 ? 91  HOH A O     1 
HETATM 436 O  O     . HOH D 3 .  ? -4.619  -9.924  -6.131  1.00 25.96 ? 92  HOH A O     1 
HETATM 437 O  O     . HOH D 3 .  ? -5.025  -0.381  -6.483  1.00 14.69 ? 98  HOH A O     1 
HETATM 438 O  O     . HOH D 3 .  ? 0.146   -9.585  2.740   1.00 23.53 ? 102 HOH A O     1 
HETATM 439 O  O     . HOH D 3 .  ? -2.760  11.502  -3.912  1.00 36.85 ? 104 HOH A O     1 
HETATM 440 O  O     . HOH D 3 .  ? 2.187   5.933   -9.548  1.00 17.72 ? 107 HOH A O     1 
HETATM 441 O  O     . HOH D 3 .  ? 11.157  11.327  12.055  1.00 47.68 ? 108 HOH A O     1 
HETATM 442 O  O     . HOH D 3 .  ? -4.820  -0.547  -9.318  1.00 17.39 ? 109 HOH A O     1 
HETATM 443 O  O     . HOH D 3 .  ? -3.386  6.575   -2.093  1.00 16.46 ? 110 HOH A O     1 
HETATM 444 O  O     . HOH D 3 .  ? 7.813   7.079   -5.621  1.00 36.49 ? 111 HOH A O     1 
HETATM 445 O  O     . HOH D 3 .  ? 3.768   -6.543  -5.095  1.00 36.17 ? 112 HOH A O     1 
HETATM 446 O  O     . HOH D 3 .  ? -3.031  -8.434  -9.910  1.00 36.82 ? 113 HOH A O     1 
HETATM 447 O  O     . HOH D 3 .  ? 2.583   13.713  -3.666  1.00 29.34 ? 117 HOH A O     1 
HETATM 448 O  O     . HOH D 3 .  ? 5.553   9.067   -4.701  1.00 39.87 ? 118 HOH A O     1 
HETATM 449 O  O     . HOH D 3 .  ? -4.138  10.140  -0.087  1.00 18.48 ? 124 HOH A O     1 
HETATM 450 O  O     . HOH D 3 .  ? 6.345   0.863   -4.692  1.00 88.47 ? 126 HOH A O     1 
HETATM 451 O  O     . HOH D 3 .  ? -3.953  -2.355  -11.281 1.00 31.86 ? 129 HOH A O     1 
HETATM 452 O  O     . HOH D 3 .  ? -4.224  4.706   -4.613  1.00 6.10  ? 131 HOH A O     1 
HETATM 453 O  O     . HOH D 3 .  ? -4.761  2.161   -5.847  1.00 17.66 ? 132 HOH A O     1 
HETATM 454 O  O     . HOH D 3 .  ? -4.733  3.504   -2.104  1.00 9.06  ? 133 HOH A O     1 
HETATM 455 O  O     . HOH D 3 .  ? -2.980  2.167   -3.860  1.00 13.47 ? 134 HOH A O     1 
HETATM 456 O  O     . HOH D 3 .  ? -6.742  3.447   -4.329  1.00 9.27  ? 135 HOH A O     1 
HETATM 457 O  O     . HOH E 3 .  ? -4.663  -7.518  -6.178  1.00 4.77  ? 22  HOH B O     1 
HETATM 458 O  O     . HOH E 3 .  ? 3.245   4.817   5.707   1.00 29.94 ? 25  HOH B O     1 
HETATM 459 O  O     . HOH E 3 .  ? 4.799   4.271   7.872   1.00 15.66 ? 26  HOH B O     1 
HETATM 460 O  O     . HOH E 3 .  ? 7.598   3.788   6.929   1.00 14.12 ? 27  HOH B O     1 
HETATM 461 O  O     . HOH E 3 .  ? -6.867  -11.689 -6.402  1.00 21.61 ? 32  HOH B O     1 
HETATM 462 O  O     . HOH E 3 .  ? -3.690  3.124   0.547   1.00 37.09 ? 33  HOH B O     1 
HETATM 463 O  O     . HOH E 3 .  ? 11.649  2.999   5.700   1.00 38.98 ? 34  HOH B O     1 
HETATM 464 O  O     . HOH E 3 .  ? 13.696  3.771   4.966   1.00 38.22 ? 35  HOH B O     1 
HETATM 465 O  O     . HOH E 3 .  ? -0.890  -4.648  3.987   1.00 35.52 ? 38  HOH B O     1 
HETATM 466 O  O     . HOH E 3 .  ? 9.154   7.543   -2.053  1.00 13.73 ? 45  HOH B O     1 
HETATM 467 O  O     . HOH E 3 .  ? 10.138  5.119   -3.072  1.00 18.09 ? 46  HOH B O     1 
HETATM 468 O  O     . HOH E 3 .  ? 8.841   0.273   -0.959  1.00 34.33 ? 47  HOH B O     1 
HETATM 469 O  O     . HOH E 3 .  ? -5.575  -3.729  4.300   1.00 28.68 ? 48  HOH B O     1 
HETATM 470 O  O     . HOH E 3 .  ? -11.873 -3.859  -1.213  1.00 46.72 ? 49  HOH B O     1 
HETATM 471 O  O     . HOH E 3 .  ? -13.661 -6.416  -3.643  1.00 35.62 ? 50  HOH B O     1 
HETATM 472 O  O     . HOH E 3 .  ? 6.252   -0.982  -1.524  1.00 29.94 ? 51  HOH B O     1 
HETATM 473 O  O     . HOH E 3 .  ? -3.412  6.374   9.721   1.00 29.22 ? 63  HOH B O     1 
HETATM 474 O  O     . HOH E 3 .  ? 4.741   4.227   10.362  1.00 38.86 ? 67  HOH B O     1 
HETATM 475 O  O     . HOH E 3 .  ? 15.730  -0.630  -3.383  1.00 23.38 ? 68  HOH B O     1 
HETATM 476 O  O     . HOH E 3 .  ? 9.374   -2.868  2.342   1.00 21.11 ? 69  HOH B O     1 
HETATM 477 O  O     . HOH E 3 .  ? 6.290   -3.054  5.663   1.00 37.11 ? 70  HOH B O     1 
HETATM 478 O  O     . HOH E 3 .  ? 5.540   -1.258  11.856  1.00 30.13 ? 71  HOH B O     1 
HETATM 479 O  O     . HOH E 3 .  ? 0.363   -1.430  7.875   1.00 20.52 ? 72  HOH B O     1 
HETATM 480 O  O     . HOH E 3 .  ? -6.170  4.566   9.574   1.00 21.70 ? 73  HOH B O     1 
HETATM 481 O  O     . HOH E 3 .  ? -2.705  -1.348  8.337   1.00 32.47 ? 74  HOH B O     1 
HETATM 482 O  O     . HOH E 3 .  ? -5.315  5.221   1.908   1.00 9.25  ? 75  HOH B O     1 
HETATM 483 O  O     . HOH E 3 .  ? -5.480  7.077   3.372   1.00 23.07 ? 76  HOH B O     1 
HETATM 484 O  O     . HOH E 3 .  ? -9.129  0.119   4.587   1.00 15.85 ? 77  HOH B O     1 
HETATM 485 O  O     . HOH E 3 .  ? -5.528  1.386   8.104   1.00 47.59 ? 78  HOH B O     1 
HETATM 486 O  O     . HOH E 3 .  ? -7.779  3.555   8.463   1.00 16.71 ? 79  HOH B O     1 
HETATM 487 O  O     . HOH E 3 .  ? -11.700 0.477   2.643   1.00 36.61 ? 80  HOH B O     1 
HETATM 488 O  O     . HOH E 3 .  ? -11.525 -3.632  -6.307  1.00 36.33 ? 81  HOH B O     1 
HETATM 489 O  O     . HOH E 3 .  ? -13.983 2.045   -4.000  1.00 37.47 ? 82  HOH B O     1 
HETATM 490 O  O     . HOH E 3 .  ? -7.810  0.436   -10.835 1.00 22.11 ? 83  HOH B O     1 
HETATM 491 O  O     . HOH E 3 .  ? -9.418  -1.516  -11.959 1.00 25.44 ? 84  HOH B O     1 
HETATM 492 O  O     . HOH E 3 .  ? -12.017 -0.012  -10.699 1.00 22.79 ? 85  HOH B O     1 
HETATM 493 O  O     . HOH E 3 .  ? -10.572 -7.631  -10.524 1.00 40.98 ? 86  HOH B O     1 
HETATM 494 O  O     . HOH E 3 .  ? -10.218 5.511   8.379   1.00 58.45 ? 87  HOH B O     1 
HETATM 495 O  O     . HOH E 3 .  ? 12.712  3.282   -3.431  1.00 27.22 ? 88  HOH B O     1 
HETATM 496 O  O     . HOH E 3 .  ? 2.896   3.162   11.303  1.00 36.27 ? 89  HOH B O     1 
HETATM 497 O  O     . HOH E 3 .  ? -10.925 -12.809 -11.622 1.00 10.80 ? 93  HOH B O     1 
HETATM 498 O  O     . HOH E 3 .  ? 12.971  6.396   -4.652  1.00 31.72 ? 94  HOH B O     1 
HETATM 499 O  O     . HOH E 3 .  ? 0.276   3.197   12.909  1.00 20.74 ? 95  HOH B O     1 
HETATM 500 O  O     . HOH E 3 .  ? 6.071   -3.435  10.393  1.00 45.19 ? 96  HOH B O     1 
HETATM 501 O  O     . HOH E 3 .  ? -14.458 -1.825  1.037   1.00 32.75 ? 97  HOH B O     1 
HETATM 502 O  O     . HOH E 3 .  ? -4.972  -3.119  6.859   1.00 14.60 ? 99  HOH B O     1 
HETATM 503 O  O     . HOH E 3 .  ? -12.349 -10.358 -11.419 1.00 21.31 ? 100 HOH B O     1 
HETATM 504 O  O     . HOH E 3 .  ? -11.490 -4.721  1.149   1.00 22.77 ? 101 HOH B O     1 
HETATM 505 O  O     . HOH E 3 .  ? 0.177   6.098   6.728   1.00 42.89 ? 103 HOH B O     1 
HETATM 506 O  O     . HOH E 3 .  ? 19.562  2.390   -0.278  1.00 30.91 ? 105 HOH B O     1 
HETATM 507 O  O     . HOH E 3 .  ? -11.853 -4.467  -9.703  1.00 22.91 ? 106 HOH B O     1 
HETATM 508 O  O     . HOH E 3 .  ? -13.102 -1.835  -2.405  1.00 27.32 ? 114 HOH B O     1 
HETATM 509 O  O     . HOH E 3 .  ? -14.117 0.085   -12.505 1.00 33.10 ? 115 HOH B O     1 
HETATM 510 O  O     . HOH E 3 .  ? 4.434   3.009   13.309  1.00 22.11 ? 116 HOH B O     1 
HETATM 511 O  O     . HOH E 3 .  ? 7.492   1.731   11.946  1.00 53.53 ? 119 HOH B O     1 
HETATM 512 O  O     . HOH E 3 .  ? -14.701 -3.581  -4.957  1.00 68.41 ? 120 HOH B O     1 
HETATM 513 O  O     . HOH E 3 .  ? -13.084 -2.703  3.400   1.00 51.03 ? 121 HOH B O     1 
HETATM 514 O  O     . HOH E 3 .  ? -12.007 -1.627  -12.826 1.00 39.56 ? 122 HOH B O     1 
HETATM 515 O  O     . HOH E 3 .  ? 2.000   5.589   14.211  1.00 69.92 ? 123 HOH B O     1 
HETATM 516 O  O     . HOH E 3 .  ? 11.467  0.072   -3.096  1.00 38.59 ? 125 HOH B O     1 
HETATM 517 O  O     . HOH E 3 .  ? -13.500 -1.359  -15.970 1.00 61.86 ? 127 HOH B O     1 
HETATM 518 O  O     . HOH E 3 .  ? -9.034  -2.893  3.928   1.00 55.12 ? 128 HOH B O     1 
HETATM 519 O  O     . HOH E 3 .  ? -5.578  1.032   -3.357  1.00 9.87  ? 130 HOH B O     1 
# 
